data_1QHP
#
_entry.id   1QHP
#
_cell.length_a   89.760
_cell.length_b   89.760
_cell.length_c   185.710
_cell.angle_alpha   90.00
_cell.angle_beta   90.00
_cell.angle_gamma   120.00
#
_symmetry.space_group_name_H-M   'P 31 2 1'
#
loop_
_entity.id
_entity.type
_entity.pdbx_description
1 polymer ALPHA-AMYLASE
2 branched alpha-D-glucopyranose-(1-4)-alpha-D-glucopyranose
3 non-polymer 'CALCIUM ION'
4 non-polymer 'SULFATE ION'
5 water water
#
_entity_poly.entity_id   1
_entity_poly.type   'polypeptide(L)'
_entity_poly.pdbx_seq_one_letter_code
;SSSASVKGDVIYQIIIDRFYDGDTTNNNPAKSYGLYDPTKSKWKMYWGGDLEGVRQKLPYLKQLGVTTIWLSPVLDNLDT
LAGTDNTGYHGYWTRDFKQIEEHFGNWTTFDTLVNDAHQNGIKVIVDFVPNHSTPFKANDSTFAEGGALYNNGTYMGNYF
DDATKGYFHHNGDISNWDDRYEAQWKNFTDPAGFSLADLSQENGTIAQYLTDAAVQLVAHGADGLRIDAVKHFNSGFSKS
LADKLYQKKDIFLVGEWYGDDPGTANHLEKVRYANNSGVNVLDFDLNTVIRNVFGTFTQTMYDLNNMVNQTGNEYKYKEN
LITFIDNHDMSRFLSVNSNKANLHQALAFILTSRGTPSIYYGTEQYMAGGNDPYNRGMMPAFDTTTTAFKEVSTLAGLRR
NNAAIQYGTTTQRWINNDVYIYERKFFNDVVLVAINRNTQSSYSISGLQTALPNGSYADYLSGLLGGNGISVSNGSVASF
TLAPGAVSVWQYSTSASAPQIGSVAPNMGIPGNVVTIDGKGFGTTQGTVTFGGVTATVKSWTSNRIEVYVPNMAAGLTDV
KVTAGGVSSNLYSYNILSGTQTSVVFTVKSAPPTNLGDKIYLTGNIPELGNWSTDTSGAVNNAQGPLLAPNYPDWFYVFS
VPAGKTIQFKFFIKRADGTIQWENGSNHVATTPTGATGNITVTWQN
;
_entity_poly.pdbx_strand_id   A
#
loop_
_chem_comp.id
_chem_comp.type
_chem_comp.name
_chem_comp.formula
CA non-polymer 'CALCIUM ION' 'Ca 2'
GLC D-saccharide, alpha linking alpha-D-glucopyranose 'C6 H12 O6'
SO4 non-polymer 'SULFATE ION' 'O4 S -2'
#
# COMPACT_ATOMS: atom_id res chain seq x y z
N SER A 1 -10.84 -12.76 -8.53
CA SER A 1 -10.32 -12.23 -9.82
C SER A 1 -8.83 -11.99 -9.73
N SER A 2 -8.24 -11.48 -10.82
CA SER A 2 -6.81 -11.20 -10.78
C SER A 2 -6.51 -9.92 -10.01
N SER A 3 -7.53 -9.13 -9.64
CA SER A 3 -7.26 -7.90 -8.90
C SER A 3 -6.86 -8.12 -7.45
N ALA A 4 -7.25 -9.23 -6.85
CA ALA A 4 -7.08 -9.42 -5.41
C ALA A 4 -5.63 -9.46 -4.95
N SER A 5 -4.76 -10.09 -5.73
CA SER A 5 -3.36 -10.23 -5.33
C SER A 5 -2.47 -9.66 -6.42
N VAL A 6 -1.43 -8.94 -6.01
CA VAL A 6 -0.47 -8.40 -6.98
C VAL A 6 0.88 -9.05 -6.72
N LYS A 7 0.92 -10.19 -6.00
CA LYS A 7 2.18 -10.87 -5.71
C LYS A 7 2.99 -11.30 -6.94
N GLY A 8 2.32 -11.54 -8.06
CA GLY A 8 3.03 -11.94 -9.27
C GLY A 8 3.25 -10.76 -10.21
N ASP A 9 2.99 -9.54 -9.73
CA ASP A 9 3.10 -8.37 -10.57
C ASP A 9 4.29 -7.45 -10.29
N VAL A 10 4.49 -6.58 -11.28
CA VAL A 10 5.40 -5.44 -11.14
C VAL A 10 4.50 -4.20 -11.23
N ILE A 11 4.53 -3.36 -10.21
CA ILE A 11 3.79 -2.11 -10.17
C ILE A 11 4.67 -1.00 -10.74
N TYR A 12 4.04 -0.13 -11.52
CA TYR A 12 4.76 1.01 -12.14
C TYR A 12 4.00 2.27 -11.75
N GLN A 13 4.67 3.18 -11.04
CA GLN A 13 4.05 4.39 -10.52
C GLN A 13 4.26 5.56 -11.47
N ILE A 14 3.13 6.06 -11.99
CA ILE A 14 3.15 7.15 -12.93
C ILE A 14 2.56 8.45 -12.39
N ILE A 15 3.37 9.51 -12.53
CA ILE A 15 2.91 10.88 -12.24
C ILE A 15 2.35 11.29 -13.62
N ILE A 16 1.02 11.24 -13.74
CA ILE A 16 0.35 11.46 -15.01
C ILE A 16 0.80 12.68 -15.77
N ASP A 17 0.88 13.84 -15.12
CA ASP A 17 1.25 15.05 -15.87
C ASP A 17 2.63 15.03 -16.47
N ARG A 18 3.53 14.16 -15.99
CA ARG A 18 4.91 14.08 -16.41
C ARG A 18 5.29 12.84 -17.17
N PHE A 19 4.28 12.08 -17.64
CA PHE A 19 4.61 10.85 -18.38
C PHE A 19 4.51 11.03 -19.88
N TYR A 20 3.31 11.18 -20.44
CA TYR A 20 3.18 11.38 -21.89
C TYR A 20 1.93 12.20 -22.22
N ASP A 21 2.16 13.22 -23.04
CA ASP A 21 1.04 14.10 -23.46
C ASP A 21 0.39 13.46 -24.68
N GLY A 22 -0.66 12.66 -24.45
CA GLY A 22 -1.31 11.95 -25.56
C GLY A 22 -2.40 12.77 -26.25
N ASP A 23 -2.76 13.90 -25.67
CA ASP A 23 -3.83 14.75 -26.20
C ASP A 23 -3.43 16.19 -25.93
N THR A 24 -2.88 16.96 -26.84
CA THR A 24 -2.49 18.34 -26.53
C THR A 24 -3.67 19.28 -26.33
N THR A 25 -4.90 18.86 -26.64
CA THR A 25 -6.07 19.70 -26.55
C THR A 25 -6.57 19.90 -25.11
N ASN A 26 -6.11 19.09 -24.16
CA ASN A 26 -6.57 19.35 -22.79
C ASN A 26 -5.46 19.99 -21.96
N ASN A 27 -4.42 20.54 -22.61
CA ASN A 27 -3.29 21.12 -21.89
C ASN A 27 -3.63 22.38 -21.10
N ASN A 28 -4.57 23.17 -21.58
CA ASN A 28 -4.89 24.44 -20.91
C ASN A 28 -6.36 24.76 -21.09
N PRO A 29 -7.21 24.00 -20.44
CA PRO A 29 -8.66 24.14 -20.51
C PRO A 29 -9.15 25.46 -19.95
N ALA A 30 -10.26 25.97 -20.50
CA ALA A 30 -10.85 27.20 -19.98
C ALA A 30 -11.24 27.06 -18.51
N LYS A 31 -11.68 25.89 -18.06
CA LYS A 31 -12.06 25.67 -16.68
C LYS A 31 -10.94 26.00 -15.71
N SER A 32 -9.68 25.77 -16.08
CA SER A 32 -8.53 26.03 -15.20
C SER A 32 -7.39 26.64 -16.02
N TYR A 33 -7.74 27.67 -16.77
CA TYR A 33 -6.81 28.35 -17.66
C TYR A 33 -5.61 28.97 -16.96
N GLY A 34 -4.45 28.93 -17.61
CA GLY A 34 -3.27 29.57 -17.05
C GLY A 34 -2.41 28.74 -16.12
N LEU A 35 -2.66 27.43 -16.04
CA LEU A 35 -1.85 26.58 -15.17
C LEU A 35 -0.91 25.69 -15.95
N TYR A 36 -0.77 25.94 -17.25
CA TYR A 36 0.04 25.12 -18.13
C TYR A 36 1.33 25.80 -18.54
N ASP A 37 2.41 25.03 -18.55
CA ASP A 37 3.70 25.54 -18.98
C ASP A 37 4.21 24.69 -20.13
N PRO A 38 4.14 25.22 -21.35
CA PRO A 38 4.64 24.57 -22.54
C PRO A 38 6.16 24.45 -22.60
N THR A 39 6.89 25.22 -21.81
CA THR A 39 8.35 25.16 -21.84
C THR A 39 8.96 24.12 -20.92
N LYS A 40 8.16 23.52 -20.03
CA LYS A 40 8.66 22.52 -19.07
C LYS A 40 9.86 23.08 -18.30
N SER A 41 9.73 24.33 -17.83
CA SER A 41 10.75 24.95 -17.02
C SER A 41 10.22 25.44 -15.68
N LYS A 42 8.89 25.46 -15.52
CA LYS A 42 8.28 25.90 -14.25
C LYS A 42 7.80 24.60 -13.59
N TRP A 43 8.56 24.12 -12.62
CA TRP A 43 8.42 22.76 -12.13
C TRP A 43 7.15 22.41 -11.40
N LYS A 44 6.33 23.37 -10.98
CA LYS A 44 5.09 23.06 -10.29
C LYS A 44 3.87 23.40 -11.14
N MET A 45 4.05 23.61 -12.45
CA MET A 45 2.90 23.84 -13.32
C MET A 45 2.52 22.55 -14.03
N TYR A 46 1.36 22.52 -14.69
CA TYR A 46 1.04 21.35 -15.52
C TYR A 46 1.89 21.38 -16.79
N TRP A 47 2.51 20.24 -17.09
CA TRP A 47 3.34 20.12 -18.28
C TRP A 47 2.58 19.42 -19.42
N GLY A 48 1.43 18.80 -19.09
CA GLY A 48 0.60 18.25 -20.15
C GLY A 48 0.46 16.75 -20.26
N GLY A 49 1.10 15.92 -19.47
CA GLY A 49 0.87 14.46 -19.56
C GLY A 49 -0.56 14.17 -19.16
N ASP A 50 -1.14 13.09 -19.74
CA ASP A 50 -2.54 12.81 -19.44
C ASP A 50 -2.88 11.32 -19.53
N LEU A 51 -4.15 11.00 -19.30
CA LEU A 51 -4.58 9.59 -19.31
C LEU A 51 -4.48 8.98 -20.69
N GLU A 52 -4.77 9.74 -21.73
CA GLU A 52 -4.60 9.20 -23.10
C GLU A 52 -3.15 8.92 -23.40
N GLY A 53 -2.20 9.68 -22.84
CA GLY A 53 -0.78 9.45 -23.02
C GLY A 53 -0.36 8.13 -22.37
N VAL A 54 -0.92 7.84 -21.19
CA VAL A 54 -0.64 6.56 -20.54
C VAL A 54 -1.17 5.44 -21.45
N ARG A 55 -2.38 5.62 -21.98
CA ARG A 55 -2.99 4.57 -22.80
C ARG A 55 -2.17 4.34 -24.05
N GLN A 56 -1.62 5.39 -24.66
CA GLN A 56 -0.81 5.26 -25.86
C GLN A 56 0.51 4.55 -25.61
N LYS A 57 0.99 4.52 -24.37
CA LYS A 57 2.22 3.85 -24.02
C LYS A 57 2.02 2.49 -23.39
N LEU A 58 0.83 1.90 -23.52
CA LEU A 58 0.59 0.54 -23.02
C LEU A 58 1.51 -0.52 -23.62
N PRO A 59 1.83 -0.51 -24.90
CA PRO A 59 2.76 -1.46 -25.50
C PRO A 59 4.15 -1.39 -24.86
N TYR A 60 4.60 -0.18 -24.55
CA TYR A 60 5.90 0.01 -23.89
C TYR A 60 5.85 -0.59 -22.48
N LEU A 61 4.80 -0.27 -21.73
CA LEU A 61 4.65 -0.79 -20.38
C LEU A 61 4.50 -2.29 -20.36
N LYS A 62 3.75 -2.86 -21.30
CA LYS A 62 3.62 -4.31 -21.37
C LYS A 62 4.97 -4.96 -21.61
N GLN A 63 5.74 -4.42 -22.56
CA GLN A 63 7.06 -4.96 -22.89
C GLN A 63 8.03 -4.87 -21.72
N LEU A 64 7.93 -3.77 -20.95
CA LEU A 64 8.73 -3.60 -19.75
C LEU A 64 8.44 -4.66 -18.69
N GLY A 65 7.25 -5.26 -18.67
CA GLY A 65 6.92 -6.25 -17.65
C GLY A 65 5.96 -5.66 -16.62
N VAL A 66 5.43 -4.46 -16.88
CA VAL A 66 4.46 -3.89 -15.95
C VAL A 66 3.15 -4.67 -15.97
N THR A 67 2.63 -5.04 -14.80
CA THR A 67 1.34 -5.74 -14.76
C THR A 67 0.32 -5.00 -13.91
N THR A 68 0.74 -3.95 -13.22
CA THR A 68 -0.18 -3.06 -12.51
C THR A 68 0.37 -1.64 -12.64
N ILE A 69 -0.45 -0.71 -13.15
CA ILE A 69 -0.04 0.69 -13.16
C ILE A 69 -0.64 1.35 -11.92
N TRP A 70 0.18 2.05 -11.17
CA TRP A 70 -0.31 2.90 -10.07
C TRP A 70 -0.36 4.30 -10.69
N LEU A 71 -1.57 4.81 -10.92
CA LEU A 71 -1.76 6.14 -11.48
C LEU A 71 -1.79 7.15 -10.32
N SER A 72 -1.06 8.25 -10.46
CA SER A 72 -1.15 9.34 -9.48
C SER A 72 -2.59 9.86 -9.53
N PRO A 73 -3.02 10.64 -8.57
CA PRO A 73 -4.44 10.97 -8.40
C PRO A 73 -5.08 11.51 -9.66
N VAL A 74 -6.27 11.00 -10.00
CA VAL A 74 -6.92 11.37 -11.25
C VAL A 74 -8.08 12.33 -11.10
N LEU A 75 -8.47 12.66 -9.86
CA LEU A 75 -9.67 13.48 -9.66
C LEU A 75 -9.41 14.97 -9.72
N ASP A 76 -10.48 15.72 -10.01
CA ASP A 76 -10.38 17.15 -10.31
C ASP A 76 -9.62 17.91 -9.23
N ASN A 77 -8.48 18.51 -9.59
CA ASN A 77 -7.69 19.29 -8.63
C ASN A 77 -7.94 20.78 -8.77
N LEU A 78 -7.61 21.56 -7.76
CA LEU A 78 -7.60 23.01 -7.76
C LEU A 78 -7.52 23.64 -9.15
N ASP A 79 -8.48 24.52 -9.46
CA ASP A 79 -8.50 25.16 -10.77
C ASP A 79 -7.77 26.48 -10.86
N THR A 80 -7.14 26.92 -9.79
CA THR A 80 -6.40 28.18 -9.74
C THR A 80 -4.94 27.91 -9.35
N LEU A 81 -4.14 28.97 -9.29
CA LEU A 81 -2.80 28.86 -8.74
C LEU A 81 -2.88 28.83 -7.22
N ALA A 82 -1.84 28.32 -6.58
CA ALA A 82 -1.72 28.32 -5.13
C ALA A 82 -0.36 29.00 -4.85
N GLY A 83 -0.31 30.28 -5.20
CA GLY A 83 0.98 31.00 -5.12
C GLY A 83 1.74 30.86 -6.45
N THR A 84 2.90 31.51 -6.53
CA THR A 84 3.69 31.63 -7.73
C THR A 84 3.95 30.36 -8.50
N ASP A 85 3.38 30.27 -9.71
CA ASP A 85 3.54 29.13 -10.60
C ASP A 85 3.36 27.80 -9.89
N ASN A 86 2.40 27.72 -8.97
CA ASN A 86 2.22 26.50 -8.19
C ASN A 86 0.82 25.94 -8.34
N THR A 87 0.75 24.72 -8.86
CA THR A 87 -0.52 24.13 -9.28
C THR A 87 -0.70 22.71 -8.79
N GLY A 88 -1.93 22.21 -8.92
CA GLY A 88 -2.22 20.83 -8.56
C GLY A 88 -1.84 19.84 -9.64
N TYR A 89 -0.81 20.06 -10.46
CA TYR A 89 -0.36 19.12 -11.47
C TYR A 89 -0.17 17.71 -10.92
N HIS A 90 0.28 17.57 -9.66
CA HIS A 90 0.52 16.28 -9.05
C HIS A 90 -0.76 15.51 -8.69
N GLY A 91 -1.89 16.17 -8.51
CA GLY A 91 -3.14 15.50 -8.19
C GLY A 91 -3.50 15.35 -6.73
N TYR A 92 -2.71 15.88 -5.80
CA TYR A 92 -3.05 15.71 -4.37
C TYR A 92 -3.91 16.81 -3.80
N TRP A 93 -4.35 17.76 -4.60
CA TRP A 93 -5.19 18.87 -4.13
C TRP A 93 -6.56 18.81 -4.78
N THR A 94 -7.43 17.95 -4.29
CA THR A 94 -8.71 17.64 -4.92
C THR A 94 -9.83 18.60 -4.55
N ARG A 95 -10.46 19.18 -5.59
CA ARG A 95 -11.64 20.00 -5.37
C ARG A 95 -12.93 19.23 -5.60
N ASP A 96 -12.89 18.13 -6.37
CA ASP A 96 -14.11 17.39 -6.69
C ASP A 96 -13.75 15.93 -6.85
N PHE A 97 -14.11 15.11 -5.85
CA PHE A 97 -13.79 13.68 -5.89
C PHE A 97 -14.66 12.85 -6.83
N LYS A 98 -15.61 13.46 -7.53
CA LYS A 98 -16.48 12.72 -8.43
C LYS A 98 -16.14 12.92 -9.90
N GLN A 99 -15.22 13.82 -10.22
CA GLN A 99 -14.86 14.13 -11.59
C GLN A 99 -13.37 13.96 -11.87
N ILE A 100 -13.10 13.54 -13.11
CA ILE A 100 -11.70 13.40 -13.53
C ILE A 100 -11.12 14.78 -13.75
N GLU A 101 -9.84 14.94 -13.40
CA GLU A 101 -9.16 16.20 -13.66
C GLU A 101 -9.18 16.50 -15.15
N GLU A 102 -9.65 17.70 -15.53
CA GLU A 102 -9.83 18.06 -16.93
C GLU A 102 -8.54 18.14 -17.72
N HIS A 103 -7.38 18.41 -17.11
CA HIS A 103 -6.11 18.36 -17.81
C HIS A 103 -5.78 16.92 -18.22
N PHE A 104 -6.33 15.93 -17.51
CA PHE A 104 -6.01 14.54 -17.79
C PHE A 104 -7.02 13.79 -18.66
N GLY A 105 -8.24 14.27 -18.75
CA GLY A 105 -9.24 13.62 -19.60
C GLY A 105 -10.61 13.75 -18.93
N ASN A 106 -11.55 12.87 -19.28
CA ASN A 106 -12.84 12.85 -18.59
C ASN A 106 -13.11 11.40 -18.20
N TRP A 107 -14.32 11.07 -17.74
CA TRP A 107 -14.59 9.68 -17.37
C TRP A 107 -14.49 8.74 -18.57
N THR A 108 -14.87 9.18 -19.77
CA THR A 108 -14.65 8.32 -20.95
C THR A 108 -13.17 8.03 -21.15
N THR A 109 -12.30 9.04 -20.98
CA THR A 109 -10.87 8.81 -21.14
C THR A 109 -10.36 7.79 -20.13
N PHE A 110 -10.82 7.93 -18.89
CA PHE A 110 -10.41 7.02 -17.82
C PHE A 110 -10.89 5.61 -18.16
N ASP A 111 -12.16 5.47 -18.54
CA ASP A 111 -12.68 4.14 -18.92
C ASP A 111 -11.88 3.52 -20.05
N THR A 112 -11.56 4.30 -21.07
CA THR A 112 -10.83 3.80 -22.22
C THR A 112 -9.45 3.32 -21.82
N LEU A 113 -8.75 4.12 -21.02
CA LEU A 113 -7.43 3.68 -20.54
C LEU A 113 -7.51 2.39 -19.74
N VAL A 114 -8.46 2.33 -18.79
CA VAL A 114 -8.60 1.15 -17.95
C VAL A 114 -8.97 -0.08 -18.77
N ASN A 115 -9.90 0.07 -19.69
CA ASN A 115 -10.32 -1.05 -20.53
C ASN A 115 -9.18 -1.54 -21.42
N ASP A 116 -8.41 -0.60 -21.96
CA ASP A 116 -7.30 -0.98 -22.83
C ASP A 116 -6.17 -1.59 -22.03
N ALA A 117 -5.92 -1.10 -20.81
CA ALA A 117 -4.93 -1.72 -19.93
C ALA A 117 -5.34 -3.17 -19.66
N HIS A 118 -6.60 -3.38 -19.28
CA HIS A 118 -7.07 -4.74 -19.02
C HIS A 118 -6.93 -5.64 -20.25
N GLN A 119 -7.23 -5.12 -21.45
CA GLN A 119 -7.00 -5.94 -22.65
C GLN A 119 -5.54 -6.36 -22.78
N ASN A 120 -4.60 -5.53 -22.31
CA ASN A 120 -3.18 -5.86 -22.38
C ASN A 120 -2.68 -6.62 -21.16
N GLY A 121 -3.57 -7.10 -20.29
CA GLY A 121 -3.24 -7.85 -19.11
C GLY A 121 -2.62 -7.02 -17.99
N ILE A 122 -2.95 -5.73 -17.96
CA ILE A 122 -2.34 -4.81 -16.99
C ILE A 122 -3.45 -4.22 -16.13
N LYS A 123 -3.28 -4.25 -14.81
CA LYS A 123 -4.28 -3.67 -13.91
C LYS A 123 -3.96 -2.21 -13.63
N VAL A 124 -4.96 -1.50 -13.08
CA VAL A 124 -4.79 -0.09 -12.77
C VAL A 124 -5.23 0.17 -11.33
N ILE A 125 -4.32 0.67 -10.50
CA ILE A 125 -4.73 1.07 -9.14
C ILE A 125 -4.64 2.61 -9.14
N VAL A 126 -5.54 3.25 -8.38
CA VAL A 126 -5.56 4.71 -8.41
C VAL A 126 -5.17 5.32 -7.06
N ASP A 127 -4.33 6.37 -7.11
CA ASP A 127 -3.92 7.08 -5.88
C ASP A 127 -5.12 7.90 -5.44
N PHE A 128 -5.64 7.64 -4.24
CA PHE A 128 -6.86 8.31 -3.76
C PHE A 128 -6.52 9.10 -2.52
N VAL A 129 -7.00 10.34 -2.40
CA VAL A 129 -6.46 11.31 -1.42
C VAL A 129 -7.55 11.85 -0.52
N PRO A 130 -8.03 11.06 0.43
CA PRO A 130 -9.11 11.41 1.33
C PRO A 130 -8.78 12.36 2.46
N ASN A 131 -7.51 12.70 2.65
CA ASN A 131 -7.17 13.55 3.79
C ASN A 131 -7.59 15.00 3.66
N HIS A 132 -7.61 15.52 2.43
CA HIS A 132 -7.82 16.98 2.33
C HIS A 132 -8.37 17.36 0.97
N SER A 133 -8.77 18.62 0.89
CA SER A 133 -9.16 19.16 -0.41
C SER A 133 -7.97 19.98 -0.94
N THR A 134 -8.03 21.30 -0.89
CA THR A 134 -7.00 22.11 -1.53
C THR A 134 -6.37 23.18 -0.65
N PRO A 135 -5.33 23.82 -1.14
CA PRO A 135 -4.59 24.86 -0.44
C PRO A 135 -5.43 26.02 0.06
N PHE A 136 -5.14 26.48 1.29
CA PHE A 136 -5.86 27.65 1.79
C PHE A 136 -4.98 28.40 2.78
N LYS A 137 -5.34 29.66 3.03
CA LYS A 137 -4.74 30.46 4.08
C LYS A 137 -5.89 30.81 5.03
N ALA A 138 -5.71 30.50 6.30
CA ALA A 138 -6.83 30.73 7.23
C ALA A 138 -7.22 32.19 7.31
N ASN A 139 -6.29 33.14 7.13
CA ASN A 139 -6.62 34.55 7.23
C ASN A 139 -7.03 35.18 5.90
N ASP A 140 -7.15 34.40 4.83
CA ASP A 140 -7.52 34.99 3.55
C ASP A 140 -8.27 34.00 2.67
N SER A 141 -9.58 34.20 2.54
CA SER A 141 -10.39 33.28 1.76
C SER A 141 -10.24 33.45 0.25
N THR A 142 -9.57 34.51 -0.19
CA THR A 142 -9.35 34.72 -1.62
C THR A 142 -8.14 33.93 -2.12
N PHE A 143 -7.33 33.38 -1.21
CA PHE A 143 -6.18 32.59 -1.66
C PHE A 143 -6.65 31.26 -2.25
N ALA A 144 -6.22 30.97 -3.48
CA ALA A 144 -6.61 29.72 -4.16
C ALA A 144 -8.13 29.64 -4.19
N GLU A 145 -8.72 28.51 -3.83
CA GLU A 145 -10.20 28.40 -3.78
C GLU A 145 -10.72 28.30 -2.36
N GLY A 146 -9.91 28.65 -1.35
CA GLY A 146 -10.35 28.62 0.05
C GLY A 146 -10.69 27.21 0.55
N GLY A 147 -10.14 26.19 -0.09
CA GLY A 147 -10.41 24.81 0.28
C GLY A 147 -11.68 24.23 -0.33
N ALA A 148 -12.31 24.91 -1.27
CA ALA A 148 -13.58 24.50 -1.84
C ALA A 148 -13.67 23.04 -2.29
N LEU A 149 -14.80 22.44 -1.91
CA LEU A 149 -15.12 21.06 -2.27
C LEU A 149 -16.45 21.04 -3.02
N TYR A 150 -16.48 20.32 -4.13
CA TYR A 150 -17.65 20.14 -4.96
C TYR A 150 -18.04 18.67 -5.07
N ASN A 151 -19.32 18.43 -5.36
CA ASN A 151 -19.81 17.06 -5.58
C ASN A 151 -20.28 16.94 -7.02
N ASN A 152 -19.40 16.50 -7.93
CA ASN A 152 -19.74 16.45 -9.35
C ASN A 152 -20.23 17.80 -9.87
N GLY A 153 -19.49 18.86 -9.53
CA GLY A 153 -19.81 20.21 -9.96
C GLY A 153 -20.69 21.01 -9.02
N THR A 154 -21.42 20.35 -8.12
CA THR A 154 -22.30 21.05 -7.19
C THR A 154 -21.49 21.47 -5.97
N TYR A 155 -21.50 22.77 -5.66
CA TYR A 155 -20.70 23.23 -4.52
C TYR A 155 -21.16 22.67 -3.18
N MET A 156 -20.21 22.18 -2.37
CA MET A 156 -20.50 21.66 -1.05
C MET A 156 -20.14 22.67 0.03
N GLY A 157 -18.89 23.13 0.02
CA GLY A 157 -18.48 24.13 1.01
C GLY A 157 -16.96 24.30 0.94
N ASN A 158 -16.46 25.28 1.69
CA ASN A 158 -15.02 25.51 1.77
C ASN A 158 -14.64 25.70 3.24
N TYR A 159 -13.41 26.14 3.52
CA TYR A 159 -12.95 26.26 4.90
C TYR A 159 -13.66 27.36 5.68
N PHE A 160 -14.27 28.29 4.95
CA PHE A 160 -14.85 29.49 5.52
C PHE A 160 -16.34 29.49 5.71
N ASP A 161 -17.09 28.63 5.01
CA ASP A 161 -18.54 28.59 5.21
C ASP A 161 -18.97 27.27 5.82
N ASP A 162 -18.12 26.72 6.69
CA ASP A 162 -18.32 25.40 7.28
C ASP A 162 -18.98 25.38 8.64
N ALA A 163 -19.32 26.52 9.23
CA ALA A 163 -19.91 26.53 10.56
C ALA A 163 -21.04 25.53 10.79
N THR A 164 -22.02 25.46 9.91
CA THR A 164 -23.15 24.55 10.14
C THR A 164 -23.04 23.23 9.40
N LYS A 165 -21.88 22.99 8.80
CA LYS A 165 -21.69 21.76 8.04
C LYS A 165 -20.70 20.82 8.69
N GLY A 166 -19.54 21.35 9.08
CA GLY A 166 -18.51 20.55 9.72
C GLY A 166 -17.86 19.56 8.75
N TYR A 167 -17.68 19.99 7.50
CA TYR A 167 -17.02 19.14 6.53
C TYR A 167 -15.51 19.09 6.77
N PHE A 168 -14.96 20.13 7.40
CA PHE A 168 -13.53 20.21 7.66
C PHE A 168 -13.22 20.28 9.15
N HIS A 169 -12.00 19.88 9.52
CA HIS A 169 -11.48 20.12 10.86
C HIS A 169 -10.98 21.57 10.90
N HIS A 170 -11.10 22.21 12.05
CA HIS A 170 -10.68 23.61 12.22
C HIS A 170 -9.76 23.70 13.45
N ASN A 171 -8.69 22.90 13.45
CA ASN A 171 -7.81 22.80 14.61
C ASN A 171 -6.42 23.39 14.46
N GLY A 172 -6.16 24.11 13.39
CA GLY A 172 -4.84 24.73 13.20
C GLY A 172 -3.92 23.78 12.41
N ASP A 173 -2.73 24.26 12.13
CA ASP A 173 -1.71 23.55 11.37
C ASP A 173 -0.94 22.56 12.24
N ILE A 174 -0.52 21.46 11.60
CA ILE A 174 0.35 20.51 12.30
C ILE A 174 1.64 21.24 12.72
N SER A 175 2.05 20.99 13.95
CA SER A 175 3.32 21.55 14.44
C SER A 175 4.29 20.38 14.66
N ASN A 176 3.84 19.41 15.46
CA ASN A 176 4.64 18.22 15.73
C ASN A 176 4.05 17.10 14.86
N TRP A 177 4.73 16.79 13.76
CA TRP A 177 4.23 15.75 12.86
C TRP A 177 4.21 14.36 13.47
N ASP A 178 4.96 14.09 14.53
CA ASP A 178 4.98 12.81 15.20
C ASP A 178 3.96 12.72 16.33
N ASP A 179 3.19 13.76 16.59
CA ASP A 179 2.15 13.74 17.61
C ASP A 179 0.93 13.20 16.85
N ARG A 180 0.40 12.06 17.29
CA ARG A 180 -0.66 11.42 16.52
C ARG A 180 -1.94 12.23 16.41
N TYR A 181 -2.36 12.92 17.48
CA TYR A 181 -3.55 13.76 17.40
C TYR A 181 -3.31 14.88 16.38
N GLU A 182 -2.17 15.58 16.45
CA GLU A 182 -1.91 16.65 15.49
C GLU A 182 -1.86 16.13 14.06
N ALA A 183 -1.17 15.00 13.86
CA ALA A 183 -0.98 14.48 12.51
C ALA A 183 -2.31 14.18 11.83
N GLN A 184 -3.32 13.82 12.60
CA GLN A 184 -4.61 13.48 12.04
C GLN A 184 -5.62 14.61 12.12
N TRP A 185 -5.69 15.42 13.15
CA TRP A 185 -6.74 16.43 13.27
C TRP A 185 -6.28 17.84 12.90
N LYS A 186 -4.99 18.07 12.73
CA LYS A 186 -4.49 19.39 12.34
C LYS A 186 -4.12 19.33 10.86
N ASN A 187 -3.90 20.52 10.28
CA ASN A 187 -3.71 20.61 8.83
C ASN A 187 -2.32 20.25 8.31
N PHE A 188 -2.33 19.53 7.18
CA PHE A 188 -1.11 19.23 6.44
C PHE A 188 -0.62 20.57 5.89
N THR A 189 0.66 20.86 6.04
CA THR A 189 1.19 22.14 5.57
C THR A 189 2.16 21.91 4.42
N ASP A 190 2.36 22.97 3.63
CA ASP A 190 3.32 22.90 2.52
C ASP A 190 4.31 24.04 2.79
N PRO A 191 5.60 23.82 2.60
CA PRO A 191 6.65 24.78 2.81
C PRO A 191 6.55 25.98 1.88
N ALA A 192 5.72 25.88 0.83
CA ALA A 192 5.47 27.02 -0.06
C ALA A 192 4.59 28.06 0.59
N GLY A 193 4.05 27.84 1.79
CA GLY A 193 3.32 28.88 2.47
C GLY A 193 1.82 28.72 2.62
N PHE A 194 1.31 27.50 2.58
CA PHE A 194 -0.15 27.34 2.77
C PHE A 194 -0.44 25.99 3.44
N SER A 195 -1.72 25.82 3.79
CA SER A 195 -2.16 24.60 4.45
C SER A 195 -3.15 23.90 3.51
N LEU A 196 -3.41 22.63 3.77
CA LEU A 196 -4.41 21.90 2.99
C LEU A 196 -5.64 21.71 3.87
N ALA A 197 -6.82 22.08 3.36
CA ALA A 197 -8.06 21.96 4.15
C ALA A 197 -8.33 20.52 4.53
N ASP A 198 -8.31 20.27 5.83
CA ASP A 198 -8.40 18.90 6.36
C ASP A 198 -9.82 18.40 6.48
N LEU A 199 -10.15 17.42 5.63
CA LEU A 199 -11.52 16.90 5.62
C LEU A 199 -11.82 16.16 6.93
N SER A 200 -13.09 16.25 7.36
CA SER A 200 -13.50 15.56 8.58
C SER A 200 -14.11 14.23 8.15
N GLN A 201 -13.33 13.14 8.26
CA GLN A 201 -13.88 11.82 7.93
C GLN A 201 -14.85 11.35 9.02
N GLU A 202 -14.97 12.09 10.12
CA GLU A 202 -15.89 11.80 11.20
C GLU A 202 -17.25 12.46 10.92
N ASN A 203 -17.33 13.27 9.88
CA ASN A 203 -18.59 13.88 9.44
C ASN A 203 -19.25 12.88 8.49
N GLY A 204 -20.52 12.55 8.72
CA GLY A 204 -21.18 11.51 7.92
C GLY A 204 -21.29 11.85 6.45
N THR A 205 -21.59 13.10 6.12
CA THR A 205 -21.66 13.51 4.71
C THR A 205 -20.32 13.29 4.03
N ILE A 206 -19.24 13.76 4.67
CA ILE A 206 -17.92 13.59 4.04
C ILE A 206 -17.51 12.13 3.98
N ALA A 207 -17.76 11.34 5.02
CA ALA A 207 -17.38 9.93 4.98
C ALA A 207 -18.12 9.20 3.86
N GLN A 208 -19.42 9.42 3.71
CA GLN A 208 -20.17 8.77 2.63
C GLN A 208 -19.74 9.29 1.27
N TYR A 209 -19.48 10.58 1.15
CA TYR A 209 -19.00 11.17 -0.10
C TYR A 209 -17.70 10.54 -0.55
N LEU A 210 -16.74 10.43 0.38
CA LEU A 210 -15.44 9.84 0.04
C LEU A 210 -15.57 8.36 -0.32
N THR A 211 -16.44 7.67 0.40
CA THR A 211 -16.74 6.27 0.12
C THR A 211 -17.32 6.14 -1.29
N ASP A 212 -18.34 6.95 -1.59
CA ASP A 212 -18.94 6.95 -2.92
C ASP A 212 -17.93 7.24 -4.02
N ALA A 213 -17.00 8.17 -3.79
CA ALA A 213 -16.00 8.51 -4.80
C ALA A 213 -15.06 7.33 -5.01
N ALA A 214 -14.67 6.65 -3.93
CA ALA A 214 -13.77 5.47 -4.11
C ALA A 214 -14.50 4.36 -4.85
N VAL A 215 -15.75 4.11 -4.47
CA VAL A 215 -16.59 3.10 -5.13
C VAL A 215 -16.79 3.42 -6.61
N GLN A 216 -16.93 4.69 -6.97
CA GLN A 216 -17.05 5.09 -8.37
C GLN A 216 -15.80 4.71 -9.16
N LEU A 217 -14.61 4.88 -8.59
CA LEU A 217 -13.39 4.48 -9.32
C LEU A 217 -13.43 2.97 -9.60
N VAL A 218 -13.82 2.17 -8.61
CA VAL A 218 -13.93 0.73 -8.80
C VAL A 218 -15.04 0.38 -9.79
N ALA A 219 -16.15 1.12 -9.82
CA ALA A 219 -17.23 0.85 -10.75
C ALA A 219 -16.78 1.10 -12.19
N HIS A 220 -15.82 2.02 -12.35
CA HIS A 220 -15.25 2.33 -13.64
C HIS A 220 -14.06 1.43 -14.01
N GLY A 221 -13.84 0.37 -13.26
CA GLY A 221 -12.81 -0.60 -13.59
C GLY A 221 -11.56 -0.66 -12.74
N ALA A 222 -11.34 0.33 -11.87
CA ALA A 222 -10.09 0.34 -11.12
C ALA A 222 -9.90 -0.99 -10.38
N ASP A 223 -8.68 -1.51 -10.37
CA ASP A 223 -8.36 -2.76 -9.71
C ASP A 223 -7.91 -2.57 -8.26
N GLY A 224 -7.99 -1.35 -7.74
CA GLY A 224 -7.55 -1.14 -6.37
C GLY A 224 -7.15 0.32 -6.21
N LEU A 225 -6.67 0.67 -5.03
CA LEU A 225 -6.31 2.04 -4.74
C LEU A 225 -4.99 2.06 -3.98
N ARG A 226 -4.23 3.13 -4.15
CA ARG A 226 -3.11 3.45 -3.25
C ARG A 226 -3.67 4.62 -2.44
N ILE A 227 -3.95 4.39 -1.18
CA ILE A 227 -4.59 5.39 -0.32
C ILE A 227 -3.55 6.35 0.27
N ASP A 228 -3.69 7.62 -0.10
CA ASP A 228 -2.73 8.62 0.35
C ASP A 228 -2.85 8.98 1.82
N ALA A 229 -1.73 9.27 2.46
CA ALA A 229 -1.62 9.81 3.80
C ALA A 229 -2.50 9.13 4.82
N VAL A 230 -2.44 7.80 4.91
CA VAL A 230 -3.26 7.08 5.91
C VAL A 230 -2.87 7.35 7.34
N LYS A 231 -1.68 7.91 7.61
CA LYS A 231 -1.32 8.26 8.99
C LYS A 231 -1.97 9.60 9.38
N HIS A 232 -2.51 10.32 8.38
CA HIS A 232 -3.07 11.63 8.61
C HIS A 232 -4.57 11.61 8.75
N PHE A 233 -5.31 10.51 8.66
CA PHE A 233 -6.76 10.56 8.96
C PHE A 233 -7.03 9.33 9.83
N ASN A 234 -8.10 9.34 10.64
CA ASN A 234 -8.31 8.22 11.56
C ASN A 234 -8.31 6.86 10.90
N SER A 235 -7.76 5.86 11.61
CA SER A 235 -7.67 4.51 11.07
C SER A 235 -8.99 3.76 11.13
N GLY A 236 -10.00 4.21 11.84
CA GLY A 236 -11.33 3.55 11.77
C GLY A 236 -11.89 3.69 10.35
N PHE A 237 -11.76 4.89 9.79
CA PHE A 237 -12.25 5.15 8.44
C PHE A 237 -11.48 4.34 7.41
N SER A 238 -10.17 4.16 7.55
CA SER A 238 -9.46 3.27 6.63
C SER A 238 -10.13 1.89 6.67
N LYS A 239 -10.34 1.28 7.81
CA LYS A 239 -10.93 -0.05 7.86
C LYS A 239 -12.37 -0.10 7.37
N SER A 240 -13.19 0.89 7.67
CA SER A 240 -14.60 0.90 7.22
C SER A 240 -14.68 1.14 5.72
N LEU A 241 -13.81 2.00 5.19
CA LEU A 241 -13.77 2.24 3.76
C LEU A 241 -13.34 0.98 3.02
N ALA A 242 -12.30 0.30 3.52
CA ALA A 242 -11.83 -0.94 2.89
C ALA A 242 -12.98 -1.94 2.86
N ASP A 243 -13.76 -2.03 3.96
CA ASP A 243 -14.94 -2.89 4.00
C ASP A 243 -15.86 -2.63 2.81
N LYS A 244 -16.26 -1.38 2.62
CA LYS A 244 -17.16 -1.03 1.52
C LYS A 244 -16.58 -1.41 0.15
N LEU A 245 -15.26 -1.20 -0.01
CA LEU A 245 -14.66 -1.49 -1.31
C LEU A 245 -14.58 -2.98 -1.56
N TYR A 246 -14.30 -3.80 -0.57
CA TYR A 246 -14.25 -5.26 -0.77
C TYR A 246 -15.64 -5.85 -0.97
N GLN A 247 -16.70 -5.18 -0.52
CA GLN A 247 -18.06 -5.61 -0.83
C GLN A 247 -18.36 -5.44 -2.31
N LYS A 248 -17.75 -4.43 -2.94
CA LYS A 248 -17.95 -4.19 -4.35
C LYS A 248 -17.17 -5.16 -5.23
N LYS A 249 -15.91 -5.40 -4.86
CA LYS A 249 -15.07 -6.26 -5.69
C LYS A 249 -13.81 -6.63 -4.91
N ASP A 250 -13.21 -7.76 -5.25
CA ASP A 250 -11.98 -8.20 -4.59
C ASP A 250 -10.78 -7.44 -5.16
N ILE A 251 -10.75 -6.12 -4.92
CA ILE A 251 -9.66 -5.28 -5.38
C ILE A 251 -8.50 -5.29 -4.38
N PHE A 252 -7.41 -4.61 -4.76
CA PHE A 252 -6.22 -4.58 -3.91
C PHE A 252 -6.11 -3.20 -3.26
N LEU A 253 -5.85 -3.13 -1.97
CA LEU A 253 -5.64 -1.84 -1.34
C LEU A 253 -4.28 -1.78 -0.64
N VAL A 254 -3.61 -0.64 -0.86
CA VAL A 254 -2.35 -0.39 -0.16
C VAL A 254 -2.46 1.06 0.33
N GLY A 255 -2.00 1.32 1.54
CA GLY A 255 -2.01 2.68 2.07
C GLY A 255 -0.59 3.19 2.23
N GLU A 256 -0.42 4.49 1.97
CA GLU A 256 0.88 5.09 2.23
C GLU A 256 0.92 5.61 3.67
N TRP A 257 1.53 4.85 4.57
CA TRP A 257 1.79 5.29 5.94
C TRP A 257 3.25 5.75 5.93
N TYR A 258 3.46 7.05 5.79
CA TYR A 258 4.82 7.55 5.59
C TYR A 258 5.74 7.34 6.79
N GLY A 259 6.94 6.82 6.50
CA GLY A 259 7.96 6.76 7.55
C GLY A 259 7.61 5.86 8.72
N ASP A 260 7.92 6.33 9.93
CA ASP A 260 7.72 5.56 11.15
C ASP A 260 8.38 4.17 11.03
N ASP A 261 9.70 4.21 10.81
CA ASP A 261 10.51 2.99 10.70
C ASP A 261 10.67 2.29 12.04
N PRO A 262 11.22 1.08 12.04
CA PRO A 262 11.37 0.30 13.25
C PRO A 262 12.19 1.10 14.26
N GLY A 263 11.77 0.98 15.52
CA GLY A 263 12.42 1.67 16.62
C GLY A 263 11.84 3.04 16.92
N THR A 264 10.96 3.55 16.08
CA THR A 264 10.40 4.88 16.26
C THR A 264 9.13 4.78 17.09
N ALA A 265 8.72 5.90 17.69
CA ALA A 265 7.55 5.87 18.57
C ALA A 265 6.24 5.42 17.95
N ASN A 266 6.01 5.73 16.68
CA ASN A 266 4.72 5.37 16.09
C ASN A 266 4.81 4.15 15.19
N HIS A 267 5.94 3.45 15.23
CA HIS A 267 6.11 2.26 14.38
C HIS A 267 5.09 1.18 14.68
N LEU A 268 4.86 0.84 15.95
CA LEU A 268 3.89 -0.21 16.26
C LEU A 268 2.48 0.10 15.80
N GLU A 269 2.08 1.38 15.83
CA GLU A 269 0.77 1.75 15.30
C GLU A 269 0.66 1.43 13.82
N LYS A 270 1.71 1.72 13.05
CA LYS A 270 1.71 1.39 11.62
C LYS A 270 1.64 -0.11 11.42
N VAL A 271 2.37 -0.90 12.21
CA VAL A 271 2.30 -2.37 12.08
C VAL A 271 0.89 -2.87 12.40
N ARG A 272 0.29 -2.35 13.46
CA ARG A 272 -1.08 -2.75 13.81
C ARG A 272 -2.03 -2.38 12.67
N TYR A 273 -1.85 -1.19 12.08
CA TYR A 273 -2.69 -0.81 10.94
C TYR A 273 -2.54 -1.81 9.79
N ALA A 274 -1.30 -2.15 9.44
CA ALA A 274 -1.10 -3.12 8.34
C ALA A 274 -1.73 -4.47 8.64
N ASN A 275 -1.62 -4.90 9.89
CA ASN A 275 -2.15 -6.21 10.27
C ASN A 275 -3.64 -6.27 10.55
N ASN A 276 -4.31 -5.14 10.75
CA ASN A 276 -5.72 -5.14 11.11
C ASN A 276 -6.68 -4.34 10.26
N SER A 277 -6.21 -3.32 9.55
CA SER A 277 -7.14 -2.45 8.84
C SER A 277 -7.79 -3.02 7.60
N GLY A 278 -7.21 -4.08 7.04
CA GLY A 278 -7.63 -4.57 5.73
C GLY A 278 -6.93 -3.81 4.61
N VAL A 279 -5.99 -2.94 4.95
CA VAL A 279 -5.25 -2.12 3.98
C VAL A 279 -3.76 -2.45 4.16
N ASN A 280 -3.12 -2.86 3.08
CA ASN A 280 -1.68 -3.19 3.18
C ASN A 280 -0.90 -1.89 3.21
N VAL A 281 0.42 -1.93 3.41
CA VAL A 281 1.17 -0.68 3.43
C VAL A 281 2.39 -0.70 2.52
N LEU A 282 2.80 0.51 2.12
CA LEU A 282 4.01 0.69 1.32
C LEU A 282 5.19 0.48 2.27
N ASP A 283 6.25 -0.17 1.79
CA ASP A 283 7.33 -0.63 2.67
C ASP A 283 8.41 0.40 2.88
N PHE A 284 8.11 1.38 3.74
CA PHE A 284 9.08 2.40 4.12
C PHE A 284 10.19 1.80 4.97
N ASP A 285 9.88 0.80 5.81
CA ASP A 285 10.92 0.19 6.64
C ASP A 285 12.08 -0.30 5.77
N LEU A 286 11.73 -1.09 4.74
CA LEU A 286 12.79 -1.61 3.86
C LEU A 286 13.35 -0.53 2.94
N ASN A 287 12.55 0.43 2.51
CA ASN A 287 13.05 1.48 1.63
C ASN A 287 14.24 2.24 2.21
N THR A 288 14.15 2.60 3.50
CA THR A 288 15.24 3.34 4.14
C THR A 288 16.56 2.60 4.05
N VAL A 289 16.51 1.27 4.30
CA VAL A 289 17.72 0.48 4.28
C VAL A 289 18.21 0.23 2.87
N ILE A 290 17.30 -0.01 1.90
CA ILE A 290 17.73 -0.14 0.50
C ILE A 290 18.53 1.07 0.05
N ARG A 291 18.04 2.27 0.37
CA ARG A 291 18.73 3.48 -0.04
C ARG A 291 20.08 3.65 0.64
N ASN A 292 20.21 3.22 1.90
CA ASN A 292 21.51 3.34 2.58
C ASN A 292 22.46 2.21 2.15
N VAL A 293 21.92 1.08 1.66
CA VAL A 293 22.84 -0.03 1.28
C VAL A 293 23.35 0.10 -0.13
N PHE A 294 22.43 0.35 -1.08
CA PHE A 294 22.78 0.48 -2.48
C PHE A 294 23.03 1.94 -2.89
N GLY A 295 22.48 2.89 -2.15
CA GLY A 295 22.62 4.29 -2.56
C GLY A 295 23.77 5.01 -1.88
N THR A 296 23.59 5.33 -0.59
CA THR A 296 24.63 6.08 0.11
C THR A 296 25.77 5.23 0.63
N PHE A 297 25.59 3.92 0.72
CA PHE A 297 26.60 3.01 1.26
C PHE A 297 26.95 3.37 2.71
N THR A 298 25.97 3.79 3.49
CA THR A 298 26.15 4.04 4.91
C THR A 298 25.67 2.84 5.72
N GLN A 299 24.96 1.89 5.11
CA GLN A 299 24.58 0.68 5.80
C GLN A 299 25.13 -0.49 4.99
N THR A 300 25.09 -1.70 5.53
CA THR A 300 25.64 -2.85 4.79
C THR A 300 24.60 -3.92 4.49
N MET A 301 25.05 -5.03 3.87
CA MET A 301 24.11 -6.13 3.60
C MET A 301 23.61 -6.74 4.91
N TYR A 302 24.38 -6.66 6.00
CA TYR A 302 23.87 -7.15 7.28
C TYR A 302 22.63 -6.36 7.69
N ASP A 303 22.63 -5.05 7.46
CA ASP A 303 21.47 -4.23 7.81
C ASP A 303 20.28 -4.55 6.90
N LEU A 304 20.56 -4.87 5.64
CA LEU A 304 19.49 -5.21 4.70
C LEU A 304 18.84 -6.53 5.14
N ASN A 305 19.64 -7.56 5.43
CA ASN A 305 19.11 -8.83 5.92
C ASN A 305 18.39 -8.63 7.26
N ASN A 306 18.92 -7.80 8.16
CA ASN A 306 18.24 -7.57 9.43
C ASN A 306 16.85 -6.96 9.21
N MET A 307 16.75 -6.05 8.25
CA MET A 307 15.43 -5.44 7.99
C MET A 307 14.48 -6.41 7.32
N VAL A 308 14.96 -7.30 6.46
CA VAL A 308 14.10 -8.36 5.90
C VAL A 308 13.58 -9.21 7.07
N ASN A 309 14.43 -9.60 8.01
CA ASN A 309 13.99 -10.40 9.16
C ASN A 309 13.04 -9.64 10.07
N GLN A 310 13.33 -8.37 10.35
CA GLN A 310 12.47 -7.61 11.26
C GLN A 310 11.09 -7.38 10.67
N THR A 311 11.02 -6.97 9.40
CA THR A 311 9.71 -6.79 8.77
C THR A 311 8.99 -8.13 8.66
N GLY A 312 9.74 -9.22 8.41
CA GLY A 312 9.15 -10.54 8.31
C GLY A 312 8.49 -10.98 9.61
N ASN A 313 9.05 -10.57 10.75
CA ASN A 313 8.47 -10.91 12.03
C ASN A 313 7.31 -10.01 12.42
N GLU A 314 7.24 -8.79 11.88
CA GLU A 314 6.15 -7.89 12.30
C GLU A 314 4.89 -7.90 11.47
N TYR A 315 5.05 -7.95 10.15
CA TYR A 315 3.89 -7.87 9.26
C TYR A 315 3.29 -9.23 8.98
N LYS A 316 2.02 -9.40 9.34
CA LYS A 316 1.37 -10.69 9.14
C LYS A 316 1.30 -11.08 7.67
N TYR A 317 1.03 -10.10 6.82
CA TYR A 317 0.97 -10.33 5.38
C TYR A 317 2.15 -9.60 4.75
N LYS A 318 3.37 -10.07 5.08
CA LYS A 318 4.54 -9.37 4.51
C LYS A 318 4.62 -9.48 3.01
N GLU A 319 3.97 -10.46 2.38
CA GLU A 319 3.97 -10.61 0.94
C GLU A 319 3.06 -9.59 0.25
N ASN A 320 2.32 -8.79 1.03
CA ASN A 320 1.52 -7.70 0.54
C ASN A 320 2.19 -6.33 0.70
N LEU A 321 3.37 -6.31 1.31
CA LEU A 321 4.14 -5.06 1.39
C LEU A 321 4.53 -4.61 0.00
N ILE A 322 4.41 -3.31 -0.28
CA ILE A 322 4.76 -2.79 -1.60
C ILE A 322 6.11 -2.11 -1.50
N THR A 323 7.11 -2.71 -2.14
CA THR A 323 8.48 -2.22 -1.99
C THR A 323 8.88 -1.24 -3.08
N PHE A 324 9.89 -0.43 -2.76
CA PHE A 324 10.34 0.62 -3.69
C PHE A 324 11.69 1.17 -3.26
N ILE A 325 12.41 1.70 -4.24
CA ILE A 325 13.74 2.27 -4.02
C ILE A 325 13.65 3.79 -3.89
N ASP A 326 12.66 4.36 -4.56
CA ASP A 326 12.43 5.80 -4.58
C ASP A 326 10.97 6.04 -4.95
N ASN A 327 10.57 7.30 -5.02
CA ASN A 327 9.19 7.65 -5.38
C ASN A 327 9.12 9.16 -5.57
N HIS A 328 7.94 9.70 -5.72
CA HIS A 328 7.71 11.12 -5.96
C HIS A 328 7.92 12.00 -4.75
N ASP A 329 8.25 11.46 -3.59
CA ASP A 329 8.49 12.22 -2.38
C ASP A 329 9.91 12.11 -1.85
N MET A 330 10.84 11.56 -2.62
CA MET A 330 12.24 11.51 -2.21
C MET A 330 13.12 11.61 -3.46
N SER A 331 14.38 11.97 -3.31
CA SER A 331 15.26 12.11 -4.46
C SER A 331 15.33 10.80 -5.23
N ARG A 332 15.45 10.90 -6.55
CA ARG A 332 15.61 9.71 -7.37
C ARG A 332 16.86 8.95 -6.98
N PHE A 333 16.81 7.62 -7.11
CA PHE A 333 17.98 6.81 -6.77
C PHE A 333 19.26 7.34 -7.41
N LEU A 334 19.23 7.62 -8.71
CA LEU A 334 20.42 8.11 -9.41
C LEU A 334 20.95 9.45 -8.97
N SER A 335 20.20 10.26 -8.21
CA SER A 335 20.74 11.48 -7.62
C SER A 335 21.36 11.15 -6.27
N VAL A 336 21.00 10.00 -5.67
CA VAL A 336 21.65 9.52 -4.47
C VAL A 336 22.99 8.87 -4.85
N ASN A 337 22.99 8.08 -5.90
CA ASN A 337 24.19 7.36 -6.36
C ASN A 337 24.03 7.17 -7.87
N SER A 338 24.91 7.81 -8.66
CA SER A 338 24.76 7.72 -10.10
C SER A 338 25.27 6.44 -10.73
N ASN A 339 25.83 5.51 -9.97
CA ASN A 339 26.29 4.23 -10.52
C ASN A 339 25.12 3.38 -10.98
N LYS A 340 25.02 3.09 -12.27
CA LYS A 340 23.90 2.33 -12.81
C LYS A 340 23.87 0.89 -12.34
N ALA A 341 25.04 0.31 -12.06
CA ALA A 341 25.06 -1.07 -11.55
C ALA A 341 24.39 -1.12 -10.18
N ASN A 342 24.61 -0.10 -9.33
CA ASN A 342 23.96 -0.08 -8.02
C ASN A 342 22.45 0.06 -8.16
N LEU A 343 22.00 0.83 -9.17
CA LEU A 343 20.58 0.94 -9.45
C LEU A 343 20.04 -0.43 -9.89
N HIS A 344 20.77 -1.09 -10.78
CA HIS A 344 20.34 -2.41 -11.27
C HIS A 344 20.23 -3.40 -10.11
N GLN A 345 21.18 -3.34 -9.16
CA GLN A 345 21.14 -4.22 -8.01
C GLN A 345 19.94 -3.95 -7.12
N ALA A 346 19.67 -2.68 -6.85
CA ALA A 346 18.52 -2.31 -6.00
C ALA A 346 17.23 -2.78 -6.67
N LEU A 347 17.12 -2.59 -7.99
CA LEU A 347 15.94 -3.05 -8.71
C LEU A 347 15.82 -4.58 -8.61
N ALA A 348 16.92 -5.30 -8.82
CA ALA A 348 16.85 -6.77 -8.73
C ALA A 348 16.41 -7.20 -7.33
N PHE A 349 16.87 -6.50 -6.29
CA PHE A 349 16.50 -6.81 -4.93
C PHE A 349 14.98 -6.76 -4.77
N ILE A 350 14.35 -5.64 -5.12
CA ILE A 350 12.89 -5.57 -4.96
C ILE A 350 12.16 -6.46 -5.96
N LEU A 351 12.70 -6.69 -7.16
CA LEU A 351 12.02 -7.56 -8.10
C LEU A 351 11.97 -9.01 -7.64
N THR A 352 12.91 -9.46 -6.81
CA THR A 352 12.95 -10.84 -6.35
C THR A 352 12.65 -11.04 -4.88
N SER A 353 12.52 -9.99 -4.08
CA SER A 353 12.23 -10.09 -2.66
C SER A 353 10.73 -10.13 -2.36
N ARG A 354 10.41 -10.48 -1.10
CA ARG A 354 9.00 -10.61 -0.71
C ARG A 354 8.26 -9.30 -0.87
N GLY A 355 6.96 -9.42 -1.10
CA GLY A 355 6.14 -8.23 -1.38
C GLY A 355 6.12 -8.01 -2.90
N THR A 356 5.59 -6.89 -3.34
CA THR A 356 5.48 -6.56 -4.76
C THR A 356 6.19 -5.24 -4.99
N PRO A 357 7.10 -5.20 -5.94
CA PRO A 357 7.85 -3.99 -6.26
C PRO A 357 7.03 -2.93 -6.96
N SER A 358 7.25 -1.68 -6.59
CA SER A 358 6.74 -0.50 -7.29
C SER A 358 7.92 0.28 -7.88
N ILE A 359 7.98 0.37 -9.19
CA ILE A 359 9.03 1.08 -9.89
C ILE A 359 8.52 2.44 -10.34
N TYR A 360 9.21 3.48 -9.87
CA TYR A 360 8.81 4.87 -10.14
C TYR A 360 9.07 5.15 -11.62
N TYR A 361 8.10 5.75 -12.31
CA TYR A 361 8.26 5.94 -13.76
C TYR A 361 9.61 6.53 -14.16
N GLY A 362 10.15 6.04 -15.28
CA GLY A 362 11.40 6.56 -15.80
C GLY A 362 12.68 6.03 -15.17
N THR A 363 12.58 5.20 -14.13
CA THR A 363 13.76 4.62 -13.48
C THR A 363 14.57 3.85 -14.51
N GLU A 364 13.86 3.12 -15.37
CA GLU A 364 14.45 2.30 -16.42
C GLU A 364 15.00 3.12 -17.58
N GLN A 365 14.73 4.42 -17.63
CA GLN A 365 15.30 5.30 -18.63
C GLN A 365 16.39 6.17 -17.97
N TYR A 366 16.77 5.79 -16.74
CA TYR A 366 17.82 6.44 -15.99
C TYR A 366 17.55 7.91 -15.69
N MET A 367 16.29 8.18 -15.30
CA MET A 367 16.00 9.57 -14.89
C MET A 367 16.71 9.86 -13.59
N ALA A 368 17.18 11.10 -13.43
CA ALA A 368 17.75 11.50 -12.14
C ALA A 368 16.97 12.73 -11.65
N GLY A 369 17.17 13.17 -10.43
CA GLY A 369 16.51 14.40 -9.97
C GLY A 369 16.45 14.42 -8.44
N GLY A 370 16.64 15.61 -7.88
CA GLY A 370 16.58 15.75 -6.43
C GLY A 370 15.15 15.64 -5.91
N ASN A 371 14.88 16.16 -4.72
CA ASN A 371 13.53 16.01 -4.18
C ASN A 371 12.52 16.92 -4.87
N ASP A 372 11.26 16.62 -4.60
CA ASP A 372 10.09 17.32 -5.14
C ASP A 372 10.31 18.79 -5.24
N PRO A 373 10.16 19.39 -6.40
CA PRO A 373 9.57 18.79 -7.59
C PRO A 373 10.53 18.20 -8.60
N TYR A 374 11.82 18.15 -8.31
CA TYR A 374 12.81 17.78 -9.34
C TYR A 374 12.90 16.29 -9.63
N ASN A 375 12.18 15.49 -8.85
CA ASN A 375 12.10 14.06 -9.08
C ASN A 375 10.86 13.74 -9.92
N ARG A 376 10.19 14.76 -10.45
CA ARG A 376 9.04 14.65 -11.31
C ARG A 376 9.29 15.25 -12.69
N GLY A 377 10.47 14.98 -13.25
CA GLY A 377 10.79 15.49 -14.60
C GLY A 377 9.92 14.78 -15.62
N MET A 378 9.96 15.22 -16.89
CA MET A 378 9.19 14.55 -17.92
C MET A 378 9.86 13.25 -18.31
N MET A 379 9.11 12.18 -18.52
CA MET A 379 9.66 10.90 -19.02
C MET A 379 10.42 11.28 -20.30
N PRO A 380 11.72 11.00 -20.33
CA PRO A 380 12.60 11.46 -21.39
C PRO A 380 12.63 10.68 -22.67
N ALA A 381 12.32 9.39 -22.56
CA ALA A 381 12.42 8.50 -23.71
C ALA A 381 11.71 7.20 -23.37
N PHE A 382 11.46 6.42 -24.41
CA PHE A 382 10.75 5.14 -24.30
C PHE A 382 11.59 4.05 -24.97
N ASP A 383 12.87 4.07 -24.64
CA ASP A 383 13.86 3.17 -25.21
C ASP A 383 13.77 1.79 -24.57
N THR A 384 13.44 0.79 -25.40
CA THR A 384 13.25 -0.58 -24.89
C THR A 384 14.54 -1.38 -24.85
N THR A 385 15.68 -0.78 -25.12
CA THR A 385 16.96 -1.48 -25.13
C THR A 385 17.86 -1.17 -23.96
N THR A 386 17.41 -0.34 -22.99
CA THR A 386 18.32 -0.05 -21.88
C THR A 386 18.52 -1.31 -21.03
N THR A 387 19.66 -1.38 -20.35
CA THR A 387 19.92 -2.53 -19.47
C THR A 387 18.84 -2.65 -18.40
N ALA A 388 18.44 -1.52 -17.80
CA ALA A 388 17.39 -1.55 -16.78
C ALA A 388 16.07 -2.04 -17.34
N PHE A 389 15.68 -1.63 -18.56
CA PHE A 389 14.47 -2.10 -19.19
C PHE A 389 14.50 -3.63 -19.34
N LYS A 390 15.60 -4.15 -19.88
CA LYS A 390 15.75 -5.59 -20.07
C LYS A 390 15.74 -6.36 -18.75
N GLU A 391 16.39 -5.78 -17.74
CA GLU A 391 16.41 -6.41 -16.41
C GLU A 391 15.00 -6.51 -15.84
N VAL A 392 14.26 -5.40 -15.87
CA VAL A 392 12.91 -5.40 -15.31
C VAL A 392 12.02 -6.38 -16.07
N SER A 393 12.09 -6.39 -17.39
CA SER A 393 11.27 -7.31 -18.18
C SER A 393 11.57 -8.76 -17.85
N THR A 394 12.85 -9.10 -17.81
CA THR A 394 13.26 -10.47 -17.49
C THR A 394 12.82 -10.87 -16.10
N LEU A 395 13.11 -10.06 -15.08
CA LEU A 395 12.76 -10.42 -13.70
C LEU A 395 11.25 -10.38 -13.45
N ALA A 396 10.54 -9.55 -14.21
CA ALA A 396 9.08 -9.51 -14.08
C ALA A 396 8.54 -10.87 -14.55
N GLY A 397 9.13 -11.43 -15.61
CA GLY A 397 8.71 -12.75 -16.11
C GLY A 397 8.98 -13.83 -15.06
N LEU A 398 10.13 -13.77 -14.39
CA LEU A 398 10.42 -14.75 -13.33
C LEU A 398 9.39 -14.65 -12.21
N ARG A 399 9.04 -13.41 -11.84
CA ARG A 399 8.07 -13.20 -10.77
C ARG A 399 6.69 -13.71 -11.18
N ARG A 400 6.30 -13.60 -12.45
CA ARG A 400 5.00 -14.11 -12.86
C ARG A 400 4.98 -15.64 -12.90
N ASN A 401 6.13 -16.24 -13.21
CA ASN A 401 6.18 -17.69 -13.43
C ASN A 401 6.70 -18.53 -12.29
N ASN A 402 7.44 -17.96 -11.33
CA ASN A 402 7.96 -18.82 -10.24
C ASN A 402 7.30 -18.41 -8.94
N ALA A 403 6.51 -19.33 -8.37
CA ALA A 403 5.78 -19.11 -7.14
C ALA A 403 6.64 -18.76 -5.94
N ALA A 404 7.92 -19.12 -5.91
CA ALA A 404 8.79 -18.73 -4.81
C ALA A 404 8.92 -17.22 -4.69
N ILE A 405 8.92 -16.48 -5.80
CA ILE A 405 9.04 -15.02 -5.71
C ILE A 405 7.74 -14.42 -5.14
N GLN A 406 6.62 -15.02 -5.55
CA GLN A 406 5.32 -14.51 -5.13
C GLN A 406 5.01 -14.77 -3.68
N TYR A 407 5.28 -15.99 -3.20
CA TYR A 407 4.84 -16.43 -1.89
C TYR A 407 5.89 -16.97 -0.95
N GLY A 408 7.11 -17.14 -1.46
CA GLY A 408 8.14 -17.82 -0.72
C GLY A 408 8.65 -17.20 0.56
N THR A 409 9.22 -18.09 1.39
CA THR A 409 9.99 -17.67 2.56
C THR A 409 11.26 -16.99 2.05
N THR A 410 12.01 -16.38 2.96
CA THR A 410 13.30 -15.76 2.59
C THR A 410 14.36 -16.26 3.58
N THR A 411 15.44 -16.79 3.04
CA THR A 411 16.51 -17.34 3.87
C THR A 411 17.87 -16.79 3.41
N GLN A 412 18.64 -16.28 4.37
CA GLN A 412 19.99 -15.80 4.03
C GLN A 412 20.91 -17.00 3.83
N ARG A 413 21.67 -17.01 2.75
CA ARG A 413 22.57 -18.11 2.44
C ARG A 413 24.03 -17.71 2.41
N TRP A 414 24.35 -16.44 2.22
CA TRP A 414 25.74 -15.99 2.22
C TRP A 414 25.68 -14.46 2.39
N ILE A 415 26.51 -13.94 3.28
CA ILE A 415 26.54 -12.50 3.50
C ILE A 415 27.85 -11.96 4.07
N ASN A 416 28.19 -10.77 3.60
CA ASN A 416 29.27 -9.97 4.14
C ASN A 416 28.81 -8.53 3.93
N ASN A 417 29.67 -7.53 4.08
CA ASN A 417 29.17 -6.15 3.98
C ASN A 417 28.61 -5.84 2.60
N ASP A 418 29.18 -6.46 1.57
CA ASP A 418 28.84 -6.13 0.20
C ASP A 418 27.97 -7.12 -0.55
N VAL A 419 28.00 -8.38 -0.07
CA VAL A 419 27.30 -9.44 -0.80
C VAL A 419 26.15 -10.00 0.02
N TYR A 420 25.02 -10.19 -0.66
CA TYR A 420 23.83 -10.77 -0.07
C TYR A 420 23.30 -11.85 -1.03
N ILE A 421 23.39 -13.10 -0.59
CA ILE A 421 22.84 -14.21 -1.36
C ILE A 421 21.66 -14.74 -0.53
N TYR A 422 20.44 -14.60 -1.05
CA TYR A 422 19.27 -15.05 -0.30
C TYR A 422 18.45 -15.99 -1.18
N GLU A 423 17.58 -16.74 -0.51
CA GLU A 423 16.80 -17.74 -1.23
C GLU A 423 15.32 -17.60 -0.94
N ARG A 424 14.52 -17.61 -1.99
CA ARG A 424 13.08 -17.62 -1.85
C ARG A 424 12.61 -19.07 -2.04
N LYS A 425 11.67 -19.54 -1.24
CA LYS A 425 11.20 -20.92 -1.41
C LYS A 425 9.72 -21.07 -1.11
N PHE A 426 8.98 -21.69 -2.03
CA PHE A 426 7.56 -21.98 -1.85
C PHE A 426 7.39 -23.47 -2.20
N PHE A 427 7.35 -24.32 -1.17
CA PHE A 427 7.29 -25.77 -1.41
C PHE A 427 8.43 -26.19 -2.32
N ASN A 428 8.21 -26.74 -3.51
CA ASN A 428 9.32 -27.14 -4.37
C ASN A 428 9.92 -26.05 -5.26
N ASP A 429 9.31 -24.88 -5.31
CA ASP A 429 9.84 -23.80 -6.14
C ASP A 429 10.89 -23.03 -5.36
N VAL A 430 12.05 -22.79 -5.98
CA VAL A 430 13.18 -22.16 -5.31
C VAL A 430 13.83 -21.13 -6.22
N VAL A 431 14.20 -19.96 -5.70
CA VAL A 431 14.96 -18.98 -6.46
C VAL A 431 16.11 -18.52 -5.55
N LEU A 432 17.35 -18.67 -6.01
CA LEU A 432 18.52 -18.25 -5.22
C LEU A 432 19.08 -17.01 -5.90
N VAL A 433 19.20 -15.90 -5.17
CA VAL A 433 19.62 -14.62 -5.74
C VAL A 433 20.93 -14.16 -5.09
N ALA A 434 21.93 -13.82 -5.91
CA ALA A 434 23.18 -13.30 -5.39
C ALA A 434 23.36 -11.86 -5.88
N ILE A 435 23.60 -10.95 -4.94
CA ILE A 435 23.84 -9.55 -5.25
C ILE A 435 25.14 -9.07 -4.60
N ASN A 436 26.04 -8.54 -5.42
CA ASN A 436 27.28 -7.95 -4.94
C ASN A 436 27.19 -6.45 -5.22
N ARG A 437 27.06 -5.60 -4.19
CA ARG A 437 26.95 -4.18 -4.50
C ARG A 437 28.28 -3.53 -4.85
N ASN A 438 29.40 -4.16 -4.49
CA ASN A 438 30.70 -3.52 -4.72
C ASN A 438 31.07 -3.60 -6.20
N THR A 439 31.09 -2.45 -6.87
CA THR A 439 31.36 -2.44 -8.31
C THR A 439 32.85 -2.56 -8.64
N GLN A 440 33.70 -2.56 -7.63
CA GLN A 440 35.14 -2.63 -7.87
C GLN A 440 35.77 -3.91 -7.35
N SER A 441 35.01 -4.76 -6.66
CA SER A 441 35.57 -5.98 -6.10
C SER A 441 34.81 -7.22 -6.50
N SER A 442 35.51 -8.29 -6.86
CA SER A 442 34.84 -9.59 -7.07
C SER A 442 34.97 -10.33 -5.74
N TYR A 443 34.13 -11.32 -5.50
CA TYR A 443 34.26 -12.12 -4.28
C TYR A 443 34.26 -13.61 -4.64
N SER A 444 35.14 -14.39 -4.02
CA SER A 444 35.08 -15.84 -4.13
C SER A 444 33.98 -16.33 -3.19
N ILE A 445 33.01 -17.07 -3.72
CA ILE A 445 31.91 -17.56 -2.89
C ILE A 445 32.05 -19.05 -2.65
N SER A 446 32.44 -19.41 -1.42
CA SER A 446 32.53 -20.82 -1.03
C SER A 446 31.64 -21.08 0.18
N GLY A 447 31.22 -22.32 0.38
CA GLY A 447 30.37 -22.71 1.50
C GLY A 447 28.90 -22.35 1.29
N LEU A 448 28.52 -22.03 0.04
CA LEU A 448 27.13 -21.65 -0.20
C LEU A 448 26.25 -22.90 -0.28
N GLN A 449 25.16 -22.89 0.48
CA GLN A 449 24.19 -23.97 0.52
C GLN A 449 22.87 -23.47 -0.07
N THR A 450 22.08 -24.42 -0.57
CA THR A 450 20.85 -24.08 -1.27
C THR A 450 19.83 -25.21 -1.17
N ALA A 451 18.58 -24.87 -1.47
CA ALA A 451 17.49 -25.82 -1.57
C ALA A 451 17.24 -26.19 -3.03
N LEU A 452 18.03 -25.63 -3.96
CA LEU A 452 17.86 -26.02 -5.37
C LEU A 452 18.20 -27.50 -5.51
N PRO A 453 17.44 -28.20 -6.32
CA PRO A 453 17.72 -29.58 -6.70
C PRO A 453 19.05 -29.69 -7.45
N ASN A 454 19.63 -30.89 -7.45
CA ASN A 454 20.88 -31.10 -8.16
C ASN A 454 20.81 -30.69 -9.63
N GLY A 455 21.93 -30.15 -10.12
CA GLY A 455 22.01 -29.79 -11.53
C GLY A 455 22.89 -28.55 -11.73
N SER A 456 23.00 -28.17 -13.00
CA SER A 456 23.71 -26.98 -13.40
C SER A 456 22.67 -25.89 -13.72
N TYR A 457 22.89 -24.69 -13.19
CA TYR A 457 21.94 -23.62 -13.39
C TYR A 457 22.59 -22.42 -14.08
N ALA A 458 22.01 -22.00 -15.19
CA ALA A 458 22.53 -20.81 -15.86
C ALA A 458 21.93 -19.59 -15.18
N ASP A 459 22.59 -18.45 -15.24
CA ASP A 459 22.02 -17.22 -14.64
C ASP A 459 20.75 -16.94 -15.41
N TYR A 460 19.64 -16.71 -14.70
CA TYR A 460 18.36 -16.40 -15.36
C TYR A 460 18.43 -15.10 -16.14
N LEU A 461 19.32 -14.18 -15.76
CA LEU A 461 19.56 -12.93 -16.45
C LEU A 461 20.52 -13.05 -17.61
N SER A 462 21.03 -14.25 -17.91
CA SER A 462 21.94 -14.48 -19.03
C SER A 462 23.16 -13.58 -19.04
N GLY A 463 23.70 -13.25 -17.85
CA GLY A 463 24.89 -12.44 -17.69
C GLY A 463 24.65 -10.95 -17.93
N LEU A 464 23.37 -10.53 -18.03
CA LEU A 464 23.11 -9.10 -18.26
C LEU A 464 23.77 -8.21 -17.21
N LEU A 465 23.69 -8.63 -15.95
CA LEU A 465 24.24 -7.90 -14.82
C LEU A 465 25.49 -8.55 -14.26
N GLY A 466 26.21 -9.26 -15.12
CA GLY A 466 27.47 -9.90 -14.75
C GLY A 466 27.32 -11.24 -14.04
N GLY A 467 26.15 -11.87 -14.09
CA GLY A 467 25.87 -13.12 -13.41
C GLY A 467 26.58 -14.33 -14.03
N ASN A 468 26.64 -15.45 -13.34
CA ASN A 468 27.38 -16.61 -13.83
C ASN A 468 26.55 -17.86 -13.62
N GLY A 469 27.01 -19.00 -14.15
CA GLY A 469 26.28 -20.25 -13.91
C GLY A 469 26.85 -20.91 -12.66
N ILE A 470 26.08 -21.80 -12.03
CA ILE A 470 26.50 -22.53 -10.85
C ILE A 470 26.19 -24.02 -11.03
N SER A 471 26.83 -24.82 -10.20
CA SER A 471 26.65 -26.26 -10.17
C SER A 471 26.21 -26.66 -8.76
N VAL A 472 25.09 -27.36 -8.65
CA VAL A 472 24.56 -27.74 -7.35
C VAL A 472 24.61 -29.25 -7.14
N SER A 473 25.12 -29.65 -5.97
CA SER A 473 25.17 -31.09 -5.67
C SER A 473 24.80 -31.29 -4.20
N ASN A 474 23.73 -32.03 -3.96
CA ASN A 474 23.26 -32.32 -2.61
C ASN A 474 23.23 -31.11 -1.68
N GLY A 475 22.62 -30.01 -2.15
CA GLY A 475 22.44 -28.80 -1.37
C GLY A 475 23.65 -27.89 -1.29
N SER A 476 24.73 -28.23 -1.99
CA SER A 476 25.95 -27.44 -1.96
C SER A 476 26.23 -26.85 -3.34
N VAL A 477 26.54 -25.57 -3.38
CA VAL A 477 26.90 -24.89 -4.61
C VAL A 477 28.41 -24.90 -4.74
N ALA A 478 28.92 -25.42 -5.85
CA ALA A 478 30.38 -25.41 -6.03
C ALA A 478 30.92 -23.99 -5.98
N SER A 479 32.11 -23.82 -5.42
CA SER A 479 32.72 -22.50 -5.31
C SER A 479 32.81 -21.79 -6.65
N PHE A 480 32.53 -20.49 -6.63
CA PHE A 480 32.53 -19.67 -7.84
C PHE A 480 32.91 -18.24 -7.50
N THR A 481 33.22 -17.48 -8.54
CA THR A 481 33.55 -16.07 -8.35
C THR A 481 32.33 -15.21 -8.68
N LEU A 482 31.95 -14.34 -7.76
CA LEU A 482 30.85 -13.39 -8.03
C LEU A 482 31.48 -12.10 -8.54
N ALA A 483 31.19 -11.71 -9.76
CA ALA A 483 31.84 -10.54 -10.38
C ALA A 483 31.51 -9.21 -9.73
N PRO A 484 32.29 -8.20 -10.04
CA PRO A 484 32.11 -6.86 -9.48
C PRO A 484 30.73 -6.32 -9.84
N GLY A 485 29.99 -5.91 -8.81
CA GLY A 485 28.67 -5.31 -9.02
C GLY A 485 27.63 -6.29 -9.53
N ALA A 486 27.89 -7.59 -9.48
CA ALA A 486 26.99 -8.50 -10.18
C ALA A 486 25.71 -8.86 -9.44
N VAL A 487 24.75 -9.25 -10.28
CA VAL A 487 23.48 -9.82 -9.85
C VAL A 487 23.38 -11.16 -10.59
N SER A 488 23.16 -12.25 -9.89
CA SER A 488 23.02 -13.54 -10.57
C SER A 488 21.82 -14.25 -9.96
N VAL A 489 20.99 -14.89 -10.78
CA VAL A 489 19.75 -15.48 -10.27
C VAL A 489 19.59 -16.90 -10.81
N TRP A 490 19.37 -17.84 -9.90
CA TRP A 490 19.26 -19.27 -10.27
C TRP A 490 17.91 -19.77 -9.78
N GLN A 491 17.14 -20.36 -10.68
CA GLN A 491 15.79 -20.77 -10.28
C GLN A 491 15.35 -22.16 -10.73
N TYR A 492 14.43 -22.70 -9.93
CA TYR A 492 13.83 -24.01 -10.23
C TYR A 492 12.33 -23.94 -9.96
N SER A 493 11.53 -24.44 -10.89
CA SER A 493 10.09 -24.49 -10.64
C SER A 493 9.54 -25.81 -11.18
N THR A 494 8.46 -26.27 -10.55
CA THR A 494 7.86 -27.51 -11.05
C THR A 494 6.40 -27.55 -10.63
N SER A 495 5.64 -28.45 -11.25
CA SER A 495 4.23 -28.57 -10.87
C SER A 495 4.08 -29.12 -9.47
N ALA A 496 2.98 -28.75 -8.81
CA ALA A 496 2.74 -29.23 -7.44
C ALA A 496 1.89 -30.51 -7.45
N SER A 497 2.18 -31.41 -6.52
CA SER A 497 1.46 -32.68 -6.45
C SER A 497 0.35 -32.66 -5.39
N ALA A 498 0.18 -31.53 -4.73
CA ALA A 498 -0.84 -31.34 -3.69
C ALA A 498 -1.19 -29.86 -3.69
N PRO A 499 -2.31 -29.49 -3.11
CA PRO A 499 -2.77 -28.11 -3.06
C PRO A 499 -1.91 -27.26 -2.15
N GLN A 500 -1.47 -26.12 -2.67
CA GLN A 500 -0.58 -25.21 -1.95
C GLN A 500 -1.12 -23.78 -2.04
N ILE A 501 -1.51 -23.22 -0.90
CA ILE A 501 -2.04 -21.85 -0.95
C ILE A 501 -0.88 -20.85 -0.83
N GLY A 502 -0.79 -19.98 -1.82
CA GLY A 502 0.22 -18.92 -1.74
C GLY A 502 -0.43 -17.66 -1.13
N SER A 503 -1.70 -17.44 -1.49
CA SER A 503 -2.36 -16.19 -1.07
C SER A 503 -3.87 -16.39 -0.97
N VAL A 504 -4.47 -15.72 0.01
CA VAL A 504 -5.91 -15.52 0.11
C VAL A 504 -6.10 -14.00 0.19
N ALA A 505 -6.85 -13.40 -0.71
CA ALA A 505 -7.00 -11.94 -0.72
C ALA A 505 -8.37 -11.58 -1.23
N PRO A 506 -8.93 -10.48 -0.77
CA PRO A 506 -8.43 -9.63 0.28
C PRO A 506 -8.33 -10.34 1.62
N ASN A 507 -7.84 -9.66 2.66
CA ASN A 507 -7.64 -10.30 3.95
C ASN A 507 -8.77 -10.05 4.95
N MET A 508 -9.80 -9.36 4.50
CA MET A 508 -10.91 -8.99 5.38
C MET A 508 -12.17 -8.84 4.55
N GLY A 509 -13.33 -9.09 5.15
CA GLY A 509 -14.58 -8.91 4.41
C GLY A 509 -15.76 -9.50 5.19
N ILE A 510 -16.93 -9.47 4.57
CA ILE A 510 -18.13 -10.02 5.23
C ILE A 510 -18.63 -11.19 4.40
N PRO A 511 -19.51 -12.00 4.96
CA PRO A 511 -20.14 -13.09 4.24
C PRO A 511 -20.69 -12.60 2.90
N GLY A 512 -20.48 -13.37 1.86
CA GLY A 512 -20.92 -13.08 0.52
C GLY A 512 -19.87 -12.40 -0.37
N ASN A 513 -18.82 -11.82 0.21
CA ASN A 513 -17.80 -11.20 -0.62
C ASN A 513 -17.06 -12.25 -1.45
N VAL A 514 -16.51 -11.82 -2.59
CA VAL A 514 -15.70 -12.73 -3.40
C VAL A 514 -14.27 -12.64 -2.86
N VAL A 515 -13.66 -13.78 -2.61
CA VAL A 515 -12.28 -13.91 -2.10
C VAL A 515 -11.51 -14.82 -3.04
N THR A 516 -10.25 -14.47 -3.34
CA THR A 516 -9.48 -15.24 -4.31
C THR A 516 -8.33 -15.97 -3.63
N ILE A 517 -8.25 -17.28 -3.94
CA ILE A 517 -7.16 -18.11 -3.39
C ILE A 517 -6.20 -18.37 -4.54
N ASP A 518 -4.98 -17.89 -4.41
CA ASP A 518 -3.98 -18.08 -5.47
C ASP A 518 -2.95 -19.08 -5.00
N GLY A 519 -2.54 -19.99 -5.88
CA GLY A 519 -1.53 -20.97 -5.44
C GLY A 519 -1.21 -21.92 -6.59
N LYS A 520 -0.97 -23.17 -6.19
CA LYS A 520 -0.60 -24.22 -7.14
C LYS A 520 -1.19 -25.55 -6.69
N GLY A 521 -1.34 -26.48 -7.62
CA GLY A 521 -1.76 -27.82 -7.27
C GLY A 521 -3.22 -27.99 -6.92
N PHE A 522 -4.07 -27.08 -7.38
CA PHE A 522 -5.50 -27.23 -7.06
C PHE A 522 -6.19 -28.21 -7.99
N GLY A 523 -5.61 -28.52 -9.13
CA GLY A 523 -6.23 -29.44 -10.09
C GLY A 523 -7.24 -28.71 -10.95
N THR A 524 -7.72 -29.36 -12.02
CA THR A 524 -8.70 -28.72 -12.90
C THR A 524 -10.11 -29.10 -12.46
N THR A 525 -10.21 -30.20 -11.74
CA THR A 525 -11.49 -30.69 -11.23
C THR A 525 -11.80 -29.99 -9.90
N GLN A 526 -12.99 -29.42 -9.80
CA GLN A 526 -13.38 -28.71 -8.58
C GLN A 526 -13.36 -29.57 -7.32
N GLY A 527 -12.63 -29.10 -6.32
CA GLY A 527 -12.55 -29.77 -5.02
C GLY A 527 -13.38 -28.95 -4.02
N THR A 528 -12.88 -28.77 -2.81
CA THR A 528 -13.59 -28.01 -1.79
C THR A 528 -12.69 -27.00 -1.10
N VAL A 529 -13.32 -25.93 -0.61
CA VAL A 529 -12.64 -24.89 0.14
C VAL A 529 -13.41 -24.71 1.45
N THR A 530 -12.70 -24.63 2.57
CA THR A 530 -13.41 -24.39 3.84
C THR A 530 -12.79 -23.17 4.52
N PHE A 531 -13.60 -22.46 5.28
CA PHE A 531 -13.17 -21.34 6.13
C PHE A 531 -13.46 -21.83 7.55
N GLY A 532 -12.44 -22.12 8.34
CA GLY A 532 -12.64 -22.62 9.72
C GLY A 532 -13.46 -23.91 9.69
N GLY A 533 -13.28 -24.75 8.66
CA GLY A 533 -14.07 -25.98 8.57
C GLY A 533 -15.43 -25.81 7.90
N VAL A 534 -15.87 -24.59 7.63
CA VAL A 534 -17.14 -24.34 6.96
C VAL A 534 -16.98 -24.32 5.45
N THR A 535 -17.76 -25.14 4.75
CA THR A 535 -17.63 -25.21 3.28
C THR A 535 -18.07 -23.92 2.61
N ALA A 536 -17.25 -23.44 1.67
CA ALA A 536 -17.59 -22.20 0.95
C ALA A 536 -18.08 -22.53 -0.45
N THR A 537 -18.98 -21.71 -0.96
CA THR A 537 -19.46 -21.85 -2.33
C THR A 537 -18.36 -21.38 -3.28
N VAL A 538 -18.06 -22.23 -4.25
CA VAL A 538 -17.01 -21.93 -5.22
C VAL A 538 -17.61 -21.17 -6.41
N LYS A 539 -16.99 -20.07 -6.78
CA LYS A 539 -17.38 -19.28 -7.94
C LYS A 539 -16.65 -19.76 -9.19
N SER A 540 -15.36 -20.05 -9.03
CA SER A 540 -14.54 -20.60 -10.13
C SER A 540 -13.38 -21.38 -9.55
N TRP A 541 -12.90 -22.37 -10.31
CA TRP A 541 -11.84 -23.26 -9.85
C TRP A 541 -10.89 -23.55 -11.00
N THR A 542 -9.63 -23.19 -10.83
CA THR A 542 -8.60 -23.49 -11.82
C THR A 542 -7.43 -24.08 -11.02
N SER A 543 -6.40 -24.53 -11.75
CA SER A 543 -5.24 -25.14 -11.12
C SER A 543 -4.51 -24.21 -10.16
N ASN A 544 -4.47 -22.92 -10.48
CA ASN A 544 -3.70 -21.97 -9.69
C ASN A 544 -4.55 -20.88 -9.05
N ARG A 545 -5.87 -20.89 -9.30
CA ARG A 545 -6.69 -19.83 -8.69
C ARG A 545 -8.12 -20.32 -8.48
N ILE A 546 -8.61 -20.05 -7.26
CA ILE A 546 -9.99 -20.41 -6.90
C ILE A 546 -10.67 -19.12 -6.40
N GLU A 547 -11.86 -18.87 -6.89
CA GLU A 547 -12.68 -17.77 -6.34
C GLU A 547 -13.82 -18.38 -5.53
N VAL A 548 -14.03 -17.87 -4.33
CA VAL A 548 -15.09 -18.37 -3.47
C VAL A 548 -15.89 -17.19 -2.89
N TYR A 549 -17.05 -17.52 -2.33
CA TYR A 549 -17.83 -16.51 -1.62
C TYR A 549 -17.63 -16.78 -0.13
N VAL A 550 -17.37 -15.73 0.66
CA VAL A 550 -17.23 -15.95 2.10
C VAL A 550 -18.55 -16.52 2.64
N PRO A 551 -18.46 -17.62 3.37
CA PRO A 551 -19.63 -18.28 3.93
C PRO A 551 -20.33 -17.42 4.95
N ASN A 552 -21.63 -17.68 5.18
CA ASN A 552 -22.39 -16.96 6.21
C ASN A 552 -22.11 -17.61 7.56
N MET A 553 -20.94 -17.37 8.11
CA MET A 553 -20.48 -17.99 9.34
C MET A 553 -20.12 -16.93 10.37
N ALA A 554 -19.79 -17.39 11.56
CA ALA A 554 -19.43 -16.52 12.68
C ALA A 554 -18.23 -15.64 12.32
N ALA A 555 -18.18 -14.44 12.86
CA ALA A 555 -17.10 -13.50 12.62
C ALA A 555 -15.84 -13.80 13.42
N GLY A 556 -14.71 -13.34 12.87
CA GLY A 556 -13.41 -13.52 13.53
C GLY A 556 -12.38 -13.97 12.50
N LEU A 557 -11.12 -13.99 12.91
CA LEU A 557 -10.05 -14.49 12.03
C LEU A 557 -10.20 -16.00 11.90
N THR A 558 -10.18 -16.50 10.68
CA THR A 558 -10.38 -17.95 10.49
C THR A 558 -9.39 -18.48 9.46
N ASP A 559 -9.25 -19.80 9.39
CA ASP A 559 -8.30 -20.41 8.45
C ASP A 559 -8.97 -20.93 7.20
N VAL A 560 -8.42 -20.57 6.05
CA VAL A 560 -8.90 -21.03 4.75
C VAL A 560 -8.05 -22.24 4.35
N LYS A 561 -8.71 -23.26 3.84
CA LYS A 561 -8.04 -24.50 3.45
C LYS A 561 -8.64 -25.01 2.16
N VAL A 562 -7.80 -25.52 1.26
CA VAL A 562 -8.25 -26.07 -0.02
C VAL A 562 -8.06 -27.59 0.03
N THR A 563 -9.05 -28.32 -0.44
CA THR A 563 -8.94 -29.78 -0.50
C THR A 563 -9.12 -30.21 -1.96
N ALA A 564 -8.08 -30.88 -2.49
CA ALA A 564 -8.09 -31.29 -3.89
C ALA A 564 -7.60 -32.74 -3.97
N GLY A 565 -8.41 -33.60 -4.58
CA GLY A 565 -8.11 -35.03 -4.66
C GLY A 565 -7.99 -35.68 -3.30
N GLY A 566 -8.77 -35.26 -2.31
CA GLY A 566 -8.72 -35.79 -0.96
C GLY A 566 -7.60 -35.27 -0.07
N VAL A 567 -6.69 -34.44 -0.58
CA VAL A 567 -5.55 -33.93 0.16
C VAL A 567 -5.78 -32.46 0.51
N SER A 568 -5.46 -32.08 1.72
CA SER A 568 -5.70 -30.70 2.14
C SER A 568 -4.41 -29.87 2.11
N SER A 569 -4.60 -28.58 1.86
CA SER A 569 -3.49 -27.64 1.78
C SER A 569 -3.08 -27.09 3.13
N ASN A 570 -2.06 -26.22 3.06
CA ASN A 570 -1.64 -25.43 4.20
C ASN A 570 -2.79 -24.44 4.48
N LEU A 571 -2.78 -23.84 5.64
CA LEU A 571 -3.85 -22.91 6.03
C LEU A 571 -3.42 -21.46 5.81
N TYR A 572 -4.39 -20.60 5.51
CA TYR A 572 -4.10 -19.17 5.33
C TYR A 572 -5.22 -18.38 5.99
N SER A 573 -4.90 -17.39 6.82
CA SER A 573 -5.89 -16.63 7.56
C SER A 573 -6.77 -15.71 6.71
N TYR A 574 -7.93 -15.36 7.25
CA TYR A 574 -8.86 -14.43 6.62
C TYR A 574 -9.72 -13.85 7.74
N ASN A 575 -9.93 -12.55 7.75
CA ASN A 575 -10.69 -11.90 8.82
C ASN A 575 -12.14 -11.61 8.43
N ILE A 576 -13.07 -12.40 8.99
CA ILE A 576 -14.49 -12.19 8.69
C ILE A 576 -15.07 -11.18 9.66
N LEU A 577 -15.56 -10.06 9.13
CA LEU A 577 -16.15 -9.02 9.96
C LEU A 577 -17.55 -9.43 10.42
N SER A 578 -18.07 -8.72 11.40
CA SER A 578 -19.40 -8.98 11.95
C SER A 578 -20.55 -8.42 11.12
N GLY A 579 -20.25 -7.67 10.08
CA GLY A 579 -21.24 -7.06 9.20
C GLY A 579 -20.68 -5.81 8.53
N THR A 580 -21.45 -5.19 7.64
CA THR A 580 -20.96 -3.94 7.02
C THR A 580 -20.60 -3.00 8.17
N GLN A 581 -19.52 -2.23 8.02
CA GLN A 581 -18.98 -1.43 9.10
C GLN A 581 -19.44 0.03 9.09
N THR A 582 -19.29 0.63 10.26
CA THR A 582 -19.47 2.08 10.43
C THR A 582 -18.25 2.57 11.19
N SER A 583 -17.85 3.82 10.97
CA SER A 583 -16.65 4.37 11.58
C SER A 583 -17.06 5.30 12.72
N VAL A 584 -16.78 4.88 13.94
CA VAL A 584 -17.36 5.49 15.14
C VAL A 584 -16.35 6.12 16.07
N VAL A 585 -16.61 7.38 16.44
CA VAL A 585 -15.78 8.07 17.43
C VAL A 585 -16.21 7.57 18.81
N PHE A 586 -15.32 6.86 19.47
CA PHE A 586 -15.59 6.37 20.83
C PHE A 586 -14.86 7.31 21.81
N THR A 587 -15.61 7.95 22.69
CA THR A 587 -15.04 8.86 23.67
C THR A 587 -15.33 8.34 25.08
N VAL A 588 -14.32 8.38 25.95
CA VAL A 588 -14.55 7.97 27.35
C VAL A 588 -14.18 9.19 28.18
N LYS A 589 -15.17 9.72 28.92
CA LYS A 589 -14.93 10.92 29.72
C LYS A 589 -14.45 10.67 31.13
N SER A 590 -13.67 11.64 31.64
CA SER A 590 -13.21 11.62 33.02
C SER A 590 -12.54 10.33 33.43
N ALA A 591 -11.56 9.89 32.64
CA ALA A 591 -10.80 8.69 32.97
C ALA A 591 -9.85 9.05 34.10
N PRO A 592 -9.30 8.06 34.77
CA PRO A 592 -8.41 8.22 35.91
C PRO A 592 -7.11 8.86 35.44
N PRO A 593 -6.41 9.54 36.32
CA PRO A 593 -5.14 10.19 36.01
C PRO A 593 -4.12 9.22 35.45
N THR A 594 -3.33 9.63 34.47
CA THR A 594 -2.32 8.79 33.87
C THR A 594 -0.96 9.51 33.87
N ASN A 595 0.10 8.74 33.75
CA ASN A 595 1.46 9.26 33.60
C ASN A 595 1.93 8.99 32.17
N LEU A 596 2.95 9.72 31.73
CA LEU A 596 3.50 9.56 30.37
C LEU A 596 3.80 8.09 30.11
N GLY A 597 3.34 7.58 28.98
CA GLY A 597 3.54 6.16 28.66
C GLY A 597 2.28 5.34 28.94
N ASP A 598 1.45 5.77 29.88
CA ASP A 598 0.20 5.05 30.16
C ASP A 598 -0.76 5.35 29.01
N LYS A 599 -1.50 4.38 28.48
CA LYS A 599 -2.44 4.70 27.40
C LYS A 599 -3.73 3.91 27.61
N ILE A 600 -4.83 4.46 27.12
CA ILE A 600 -6.13 3.83 27.26
C ILE A 600 -6.51 3.13 25.96
N TYR A 601 -7.07 1.93 26.13
CA TYR A 601 -7.51 1.09 25.02
C TYR A 601 -8.98 0.73 25.21
N LEU A 602 -9.59 0.30 24.13
CA LEU A 602 -10.99 -0.13 24.09
C LEU A 602 -11.05 -1.62 23.77
N THR A 603 -11.93 -2.33 24.48
CA THR A 603 -12.08 -3.76 24.19
C THR A 603 -13.54 -4.15 24.37
N GLY A 604 -14.01 -5.17 23.68
CA GLY A 604 -15.45 -5.49 23.72
C GLY A 604 -15.80 -6.84 23.15
N ASN A 605 -17.11 -7.10 23.01
CA ASN A 605 -17.58 -8.46 22.73
C ASN A 605 -17.74 -8.83 21.28
N ILE A 606 -16.92 -8.27 20.40
CA ILE A 606 -16.92 -8.58 18.97
C ILE A 606 -15.45 -8.54 18.54
N PRO A 607 -15.10 -9.24 17.49
CA PRO A 607 -13.73 -9.32 16.98
C PRO A 607 -13.19 -7.97 16.55
N GLU A 608 -14.04 -7.06 16.09
CA GLU A 608 -13.65 -5.69 15.75
C GLU A 608 -13.12 -4.96 16.98
N LEU A 609 -13.61 -5.35 18.17
CA LEU A 609 -13.16 -4.75 19.41
C LEU A 609 -12.31 -5.71 20.23
N GLY A 610 -11.80 -6.78 19.62
CA GLY A 610 -10.85 -7.64 20.29
C GLY A 610 -11.36 -8.78 21.13
N ASN A 611 -12.68 -9.00 21.18
CA ASN A 611 -13.24 -10.10 21.98
C ASN A 611 -12.66 -10.14 23.37
N TRP A 612 -12.63 -8.99 24.03
CA TRP A 612 -12.17 -8.76 25.38
C TRP A 612 -10.69 -8.90 25.63
N SER A 613 -9.87 -8.94 24.56
CA SER A 613 -8.43 -9.01 24.72
C SER A 613 -7.89 -7.74 25.38
N THR A 614 -6.79 -7.87 26.11
CA THR A 614 -6.04 -6.74 26.63
C THR A 614 -4.68 -6.68 25.93
N ASP A 615 -4.48 -7.55 24.93
CA ASP A 615 -3.22 -7.54 24.19
C ASP A 615 -3.18 -6.33 23.25
N THR A 616 -2.01 -5.67 23.19
CA THR A 616 -1.88 -4.46 22.39
C THR A 616 -0.74 -4.56 21.37
N SER A 617 -0.36 -5.79 21.05
CA SER A 617 0.70 -6.06 20.08
C SER A 617 0.18 -5.93 18.65
N GLY A 618 0.99 -6.35 17.68
CA GLY A 618 0.62 -6.31 16.27
C GLY A 618 -0.33 -7.42 15.85
N ALA A 619 -0.85 -8.23 16.75
CA ALA A 619 -1.79 -9.28 16.45
C ALA A 619 -3.10 -8.74 15.88
N VAL A 620 -3.86 -9.64 15.26
CA VAL A 620 -5.13 -9.30 14.66
C VAL A 620 -6.28 -9.41 15.66
N ASN A 621 -7.20 -8.46 15.63
CA ASN A 621 -8.36 -8.45 16.50
C ASN A 621 -8.04 -8.53 17.98
N ASN A 622 -7.15 -7.67 18.46
CA ASN A 622 -6.84 -7.60 19.90
C ASN A 622 -7.38 -6.28 20.43
N ALA A 623 -6.86 -5.76 21.54
CA ALA A 623 -7.44 -4.52 22.09
C ALA A 623 -7.29 -3.38 21.06
N GLN A 624 -8.27 -2.51 21.01
CA GLN A 624 -8.28 -1.39 20.06
C GLN A 624 -7.74 -0.08 20.62
N GLY A 625 -6.95 0.62 19.80
CA GLY A 625 -6.38 1.89 20.24
C GLY A 625 -4.90 1.97 19.93
N PRO A 626 -4.18 2.76 20.70
CA PRO A 626 -4.64 3.50 21.83
C PRO A 626 -5.52 4.70 21.55
N LEU A 627 -6.24 5.13 22.60
CA LEU A 627 -7.04 6.35 22.44
C LEU A 627 -6.09 7.53 22.60
N LEU A 628 -6.50 8.68 22.11
CA LEU A 628 -5.74 9.92 22.23
C LEU A 628 -6.38 10.81 23.30
N ALA A 629 -5.66 11.83 23.74
CA ALA A 629 -6.27 12.67 24.78
C ALA A 629 -6.02 14.15 24.68
N PRO A 630 -6.46 14.79 23.62
CA PRO A 630 -6.38 16.23 23.44
C PRO A 630 -7.22 16.94 24.51
N ASN A 631 -8.32 16.29 24.91
CA ASN A 631 -9.21 16.82 25.94
C ASN A 631 -9.07 16.07 27.27
N TYR A 632 -7.86 15.68 27.62
CA TYR A 632 -7.56 14.98 28.89
C TYR A 632 -8.24 15.74 30.01
N PRO A 633 -8.86 15.05 30.96
CA PRO A 633 -8.89 13.63 31.12
C PRO A 633 -9.88 12.79 30.35
N ASP A 634 -10.47 13.35 29.30
CA ASP A 634 -11.32 12.62 28.38
C ASP A 634 -10.42 12.05 27.26
N TRP A 635 -10.74 10.83 26.84
CA TRP A 635 -9.92 10.18 25.81
C TRP A 635 -10.81 9.76 24.64
N PHE A 636 -10.25 9.67 23.42
CA PHE A 636 -11.10 9.25 22.30
C PHE A 636 -10.24 8.65 21.18
N TYR A 637 -10.91 7.87 20.34
CA TYR A 637 -10.32 7.51 19.04
C TYR A 637 -11.47 7.03 18.17
N VAL A 638 -11.19 6.60 16.95
CA VAL A 638 -12.22 6.27 15.98
C VAL A 638 -11.98 4.84 15.50
N PHE A 639 -13.04 4.03 15.59
CA PHE A 639 -12.90 2.60 15.30
C PHE A 639 -14.00 2.09 14.38
N SER A 640 -13.62 1.10 13.56
CA SER A 640 -14.57 0.49 12.66
C SER A 640 -15.27 -0.64 13.38
N VAL A 641 -16.59 -0.59 13.43
CA VAL A 641 -17.42 -1.61 14.10
C VAL A 641 -18.58 -1.91 13.17
N PRO A 642 -19.23 -3.05 13.32
CA PRO A 642 -20.40 -3.43 12.54
C PRO A 642 -21.51 -2.42 12.72
N ALA A 643 -22.11 -1.94 11.64
CA ALA A 643 -23.18 -0.94 11.69
C ALA A 643 -24.50 -1.51 12.17
N GLY A 644 -25.25 -0.72 12.93
CA GLY A 644 -26.56 -1.11 13.41
C GLY A 644 -26.59 -2.30 14.36
N LYS A 645 -25.56 -2.48 15.16
CA LYS A 645 -25.44 -3.60 16.07
C LYS A 645 -25.30 -3.16 17.51
N THR A 646 -25.86 -3.98 18.41
CA THR A 646 -25.71 -3.70 19.83
C THR A 646 -24.47 -4.39 20.36
N ILE A 647 -23.58 -3.62 20.97
CA ILE A 647 -22.28 -4.11 21.41
C ILE A 647 -22.05 -3.82 22.89
N GLN A 648 -21.15 -4.59 23.47
CA GLN A 648 -20.74 -4.41 24.86
C GLN A 648 -19.23 -4.12 24.87
N PHE A 649 -18.83 -3.17 25.72
CA PHE A 649 -17.42 -2.78 25.72
C PHE A 649 -17.01 -2.11 27.02
N LYS A 650 -15.71 -2.12 27.27
CA LYS A 650 -15.12 -1.39 28.38
C LYS A 650 -13.77 -0.82 27.91
N PHE A 651 -13.27 0.13 28.69
CA PHE A 651 -11.96 0.70 28.44
C PHE A 651 -11.02 0.24 29.54
N PHE A 652 -9.72 0.24 29.27
CA PHE A 652 -8.74 -0.10 30.30
C PHE A 652 -7.50 0.77 30.09
N ILE A 653 -6.81 1.00 31.21
CA ILE A 653 -5.53 1.72 31.10
C ILE A 653 -4.43 0.66 31.04
N LYS A 654 -3.52 0.79 30.08
CA LYS A 654 -2.38 -0.10 30.00
C LYS A 654 -1.23 0.79 30.52
N ARG A 655 -0.83 0.59 31.77
CA ARG A 655 0.21 1.46 32.33
C ARG A 655 1.51 1.31 31.56
N ALA A 656 2.41 2.27 31.72
CA ALA A 656 3.71 2.24 31.06
C ALA A 656 4.47 0.95 31.34
N ASP A 657 4.30 0.33 32.49
CA ASP A 657 4.93 -0.91 32.88
C ASP A 657 4.18 -2.16 32.43
N GLY A 658 3.11 -2.01 31.66
CA GLY A 658 2.35 -3.16 31.19
C GLY A 658 1.16 -3.54 32.05
N THR A 659 1.05 -2.99 33.25
CA THR A 659 -0.06 -3.26 34.15
C THR A 659 -1.39 -2.91 33.50
N ILE A 660 -2.46 -3.66 33.76
CA ILE A 660 -3.76 -3.37 33.20
C ILE A 660 -4.75 -2.91 34.28
N GLN A 661 -5.37 -1.75 34.09
CA GLN A 661 -6.38 -1.26 35.03
C GLN A 661 -7.70 -1.09 34.29
N TRP A 662 -8.62 -2.04 34.48
CA TRP A 662 -9.91 -1.98 33.82
C TRP A 662 -10.81 -0.92 34.44
N GLU A 663 -11.74 -0.42 33.64
CA GLU A 663 -12.88 0.31 34.20
C GLU A 663 -13.61 -0.66 35.14
N ASN A 664 -14.22 -0.14 36.20
CA ASN A 664 -14.96 -1.06 37.07
C ASN A 664 -16.40 -1.15 36.57
N GLY A 665 -17.22 -1.89 37.30
CA GLY A 665 -18.62 -2.04 37.00
C GLY A 665 -18.99 -2.89 35.81
N SER A 666 -20.24 -2.70 35.34
CA SER A 666 -20.78 -3.47 34.24
C SER A 666 -20.33 -2.90 32.89
N ASN A 667 -20.40 -3.79 31.90
CA ASN A 667 -20.05 -3.37 30.55
C ASN A 667 -20.95 -2.24 30.05
N HIS A 668 -20.36 -1.39 29.24
CA HIS A 668 -21.10 -0.31 28.60
C HIS A 668 -21.82 -1.00 27.43
N VAL A 669 -23.06 -0.61 27.19
CA VAL A 669 -23.86 -1.19 26.12
C VAL A 669 -24.29 -0.06 25.19
N ALA A 670 -24.16 -0.25 23.88
CA ALA A 670 -24.57 0.79 22.94
C ALA A 670 -24.93 0.14 21.62
N THR A 671 -25.74 0.84 20.84
CA THR A 671 -26.06 0.38 19.49
C THR A 671 -25.32 1.29 18.50
N THR A 672 -24.57 0.69 17.59
CA THR A 672 -23.82 1.48 16.61
C THR A 672 -24.74 2.05 15.56
N PRO A 673 -24.29 3.16 14.97
CA PRO A 673 -24.98 3.88 13.92
C PRO A 673 -25.24 2.98 12.72
N THR A 674 -26.22 3.31 11.89
CA THR A 674 -26.47 2.53 10.68
C THR A 674 -25.77 3.14 9.46
N GLY A 675 -25.42 4.41 9.57
CA GLY A 675 -24.77 5.10 8.45
C GLY A 675 -23.25 4.94 8.47
N ALA A 676 -22.58 5.77 7.66
CA ALA A 676 -21.12 5.71 7.55
C ALA A 676 -20.40 6.00 8.86
N THR A 677 -20.93 6.89 9.69
CA THR A 677 -20.23 7.33 10.88
C THR A 677 -21.20 7.52 12.05
N GLY A 678 -20.59 7.73 13.22
CA GLY A 678 -21.39 8.07 14.40
C GLY A 678 -20.49 8.25 15.61
N ASN A 679 -21.10 8.52 16.76
CA ASN A 679 -20.39 8.74 18.00
C ASN A 679 -20.98 7.94 19.15
N ILE A 680 -20.11 7.41 19.99
CA ILE A 680 -20.51 6.67 21.18
C ILE A 680 -19.68 7.28 22.31
N THR A 681 -20.36 7.95 23.22
CA THR A 681 -19.68 8.67 24.30
C THR A 681 -20.17 8.17 25.66
N VAL A 682 -19.25 7.74 26.51
CA VAL A 682 -19.60 7.22 27.83
C VAL A 682 -18.67 7.85 28.88
N THR A 683 -18.97 7.64 30.16
CA THR A 683 -18.12 8.18 31.22
C THR A 683 -17.41 7.01 31.90
N TRP A 684 -16.13 7.16 32.18
CA TRP A 684 -15.36 6.08 32.81
C TRP A 684 -16.03 5.66 34.11
N GLN A 685 -16.20 4.36 34.31
CA GLN A 685 -16.82 3.85 35.54
C GLN A 685 -15.80 3.57 36.61
N ASN A 686 -15.87 4.31 37.72
CA ASN A 686 -14.85 4.20 38.77
C ASN A 686 -15.16 3.09 39.78
C1 GLC B . 8.56 12.84 10.32
C2 GLC B . 7.10 12.36 10.33
C3 GLC B . 6.57 12.37 8.88
C4 GLC B . 6.71 13.81 8.34
C5 GLC B . 8.17 14.25 8.49
C6 GLC B . 8.49 15.63 7.95
O1 GLC B . 9.02 12.83 11.63
O2 GLC B . 7.07 11.01 10.74
O3 GLC B . 5.21 12.01 8.83
O4 GLC B . 6.37 13.71 6.96
O5 GLC B . 8.58 14.19 9.85
O6 GLC B . 7.95 16.69 8.71
C1 GLC B . 5.36 14.57 6.47
C2 GLC B . 4.27 13.79 5.77
C3 GLC B . 4.76 13.21 4.44
C4 GLC B . 5.33 14.37 3.63
C5 GLC B . 6.42 15.07 4.41
C6 GLC B . 6.99 16.27 3.69
O2 GLC B . 3.75 12.74 6.54
O3 GLC B . 3.65 12.61 3.80
O4 GLC B . 5.88 13.88 2.40
O5 GLC B . 5.90 15.57 5.65
O6 GLC B . 8.30 16.57 4.14
C1 GLC C . 1.58 12.18 0.66
C2 GLC C . 1.88 12.09 -0.82
C3 GLC C . 2.63 13.39 -1.20
C4 GLC C . 1.65 14.52 -0.99
C5 GLC C . 1.05 14.56 0.42
C6 GLC C . -0.30 15.29 0.45
O1 GLC C . 2.79 12.29 1.33
O1 GLC C . 0.94 11.10 1.23
O2 GLC C . 2.68 11.00 -1.21
O3 GLC C . 3.07 13.37 -2.54
O4 GLC C . 2.24 15.76 -1.30
O5 GLC C . 0.76 13.28 0.95
O6 GLC C . -1.28 14.60 -0.28
C1 GLC C . 1.50 16.61 -2.17
C2 GLC C . 2.45 16.99 -3.31
C3 GLC C . 3.61 17.84 -2.77
C4 GLC C . 3.02 19.02 -1.98
C5 GLC C . 2.18 18.44 -0.83
C6 GLC C . 1.58 19.49 0.08
O2 GLC C . 2.92 15.84 -3.98
O3 GLC C . 4.33 18.33 -3.90
O4 GLC C . 4.10 19.77 -1.40
O5 GLC C . 1.08 17.74 -1.45
O6 GLC C . 0.88 20.52 -0.58
C1 GLC D . -12.07 -7.42 35.34
C2 GLC D . -12.97 -6.36 34.67
C3 GLC D . -14.01 -7.04 33.78
C4 GLC D . -13.32 -7.98 32.79
C5 GLC D . -12.44 -8.99 33.56
C6 GLC D . -11.61 -9.85 32.60
O1 GLC D . -12.88 -8.20 36.17
O2 GLC D . -13.70 -5.63 35.63
O3 GLC D . -14.75 -6.08 33.05
O4 GLC D . -14.33 -8.68 32.08
O5 GLC D . -11.51 -8.28 34.37
O6 GLC D . -10.89 -10.85 33.31
C1 GLC D . -14.42 -8.44 30.68
C2 GLC D . -15.90 -8.18 30.39
C3 GLC D . -16.69 -9.48 30.62
C4 GLC D . -16.08 -10.58 29.75
C5 GLC D . -14.62 -10.75 30.11
C6 GLC D . -13.89 -11.79 29.25
O2 GLC D . -16.38 -7.15 31.24
O3 GLC D . -18.02 -9.26 30.19
O4 GLC D . -16.79 -11.80 29.94
O5 GLC D . -13.90 -9.52 29.94
O6 GLC D . -12.59 -12.01 29.78
C1 GLC E . 31.69 -16.32 4.48
C2 GLC E . 30.37 -15.55 4.51
C3 GLC E . 29.30 -16.29 5.33
C4 GLC E . 29.20 -17.72 4.79
C5 GLC E . 30.59 -18.40 4.94
C6 GLC E . 30.50 -19.81 4.33
O1 GLC E . 32.25 -16.27 5.73
O2 GLC E . 30.58 -14.28 5.12
O3 GLC E . 28.01 -15.72 5.15
O4 GLC E . 28.25 -18.44 5.58
O5 GLC E . 31.51 -17.68 4.12
O6 GLC E . 31.70 -20.53 4.50
C1 GLC E . 27.09 -18.94 4.95
C2 GLC E . 25.85 -18.54 5.75
C3 GLC E . 25.86 -19.27 7.09
C4 GLC E . 26.01 -20.77 6.84
C5 GLC E . 27.24 -21.07 5.98
C6 GLC E . 27.24 -22.55 5.55
O2 GLC E . 25.79 -17.12 5.88
O3 GLC E . 24.61 -19.05 7.74
O4 GLC E . 26.18 -21.44 8.10
O5 GLC E . 27.15 -20.32 4.76
O6 GLC E . 28.46 -22.86 4.87
CA CA F . -9.02 20.92 -12.26
CA CA G . -6.50 14.77 8.64
CA CA H . -2.40 16.82 -22.55
S SO4 I . 0.48 -26.47 -10.90
O1 SO4 I . 1.47 -26.75 -9.83
O2 SO4 I . -0.90 -26.42 -10.30
O3 SO4 I . 0.76 -25.19 -11.59
O4 SO4 I . 0.51 -27.60 -11.90
#